data_3NGY
#
_entry.id   3NGY
#
_cell.length_a   58.763
_cell.length_b   107.718
_cell.length_c   121.745
_cell.angle_alpha   90.00
_cell.angle_beta   90.00
_cell.angle_gamma   90.00
#
_symmetry.space_group_name_H-M   'P 21 21 21'
#
loop_
_entity.id
_entity.type
_entity.pdbx_description
1 polymer 'Ribonuclease T'
2 polymer 'his tag sequence'
3 non-polymer 'COBALT (II) ION'
4 water water
#
loop_
_entity_poly.entity_id
_entity_poly.type
_entity_poly.pdbx_seq_one_letter_code
_entity_poly.pdbx_strand_id
1 'polypeptide(L)'
;MGSSHHHHHHSSGLVPRGSHMSDNAQLTGLCDRFRGFYPVVIDVETAGFNAKTDALLEIAAITLKMDEQGWLMPDTTLHF
HVEPFVGANLQPEALAFNGIDPNDPDRGAVSGYEALHEIFKVVRKGIKASGCNRAIMVAHNANFDHSFMMAAAERASLKR
NPFHPFATFDTAALAGLALGQTVLSKACQTAGMDFDSTQAHSALYDTERTAVLFCEIVNRWKRLGGWPLSAAEEV
;
A,B,C,D
2 'polypeptide(L)' SHHHHH E
#
# COMPACT_ATOMS: atom_id res chain seq x y z
N GLY A 29 29.13 -12.09 -2.00
CA GLY A 29 27.98 -12.77 -1.45
C GLY A 29 27.18 -11.89 -0.51
N LEU A 30 27.65 -10.66 -0.30
CA LEU A 30 26.96 -9.74 0.59
C LEU A 30 25.54 -9.48 0.11
N CYS A 31 25.38 -9.21 -1.17
CA CYS A 31 24.08 -8.87 -1.74
C CYS A 31 23.23 -10.11 -2.01
N ASP A 32 23.84 -11.28 -1.88
CA ASP A 32 23.07 -12.52 -1.93
C ASP A 32 22.52 -12.83 -0.55
N ARG A 33 23.25 -12.40 0.49
CA ARG A 33 22.95 -12.77 1.86
C ARG A 33 21.60 -12.28 2.37
N PHE A 34 21.20 -11.10 1.93
CA PHE A 34 19.91 -10.53 2.34
C PHE A 34 19.05 -10.16 1.13
N ARG A 35 19.19 -10.92 0.05
CA ARG A 35 18.35 -10.75 -1.14
C ARG A 35 18.36 -9.33 -1.69
N GLY A 36 19.55 -8.77 -1.89
CA GLY A 36 19.67 -7.47 -2.52
C GLY A 36 19.67 -6.29 -1.57
N PHE A 37 19.51 -6.55 -0.28
CA PHE A 37 19.63 -5.48 0.72
C PHE A 37 21.08 -5.26 1.11
N TYR A 38 21.47 -3.98 1.11
CA TYR A 38 22.82 -3.56 1.46
C TYR A 38 22.78 -2.99 2.87
N PRO A 39 23.18 -3.79 3.87
CA PRO A 39 23.08 -3.41 5.28
C PRO A 39 24.09 -2.34 5.68
N VAL A 40 23.59 -1.26 6.26
CA VAL A 40 24.45 -0.19 6.76
C VAL A 40 24.13 0.07 8.22
N VAL A 41 25.13 -0.06 9.08
CA VAL A 41 24.93 0.17 10.50
C VAL A 41 24.90 1.66 10.79
N ILE A 42 23.88 2.09 11.53
CA ILE A 42 23.66 3.50 11.81
C ILE A 42 23.41 3.71 13.29
N ASP A 43 23.92 4.82 13.83
CA ASP A 43 23.47 5.32 15.12
C ASP A 43 23.31 6.82 15.04
N VAL A 44 22.31 7.34 15.74
CA VAL A 44 22.05 8.77 15.79
C VAL A 44 21.97 9.25 17.24
N GLU A 45 22.48 10.46 17.51
CA GLU A 45 22.23 11.13 18.78
C GLU A 45 21.41 12.40 18.52
N THR A 46 20.46 12.67 19.41
CA THR A 46 19.47 13.72 19.18
C THR A 46 19.21 14.57 20.42
N ALA A 47 18.38 15.59 20.27
CA ALA A 47 18.00 16.45 21.38
C ALA A 47 16.56 16.19 21.85
N GLY A 48 16.06 14.99 21.57
CA GLY A 48 14.73 14.59 22.01
C GLY A 48 14.20 13.39 21.25
N PHE A 49 12.99 12.94 21.62
CA PHE A 49 12.37 11.78 20.98
C PHE A 49 11.52 12.15 19.76
N ASN A 50 11.28 13.44 19.57
CA ASN A 50 10.42 13.91 18.49
C ASN A 50 11.18 14.22 17.20
N ALA A 51 11.11 13.29 16.24
CA ALA A 51 11.90 13.37 15.02
C ALA A 51 11.57 14.58 14.13
N LYS A 52 10.35 15.11 14.23
CA LYS A 52 10.01 16.25 13.39
C LYS A 52 10.40 17.60 13.98
N THR A 53 10.38 17.72 15.31
CA THR A 53 10.71 18.99 15.96
C THR A 53 12.10 19.03 16.60
N ASP A 54 12.64 17.87 16.98
CA ASP A 54 13.86 17.84 17.78
C ASP A 54 15.14 17.72 16.95
N ALA A 55 16.20 18.36 17.41
CA ALA A 55 17.47 18.41 16.68
C ALA A 55 18.15 17.06 16.52
N LEU A 56 18.67 16.81 15.33
CA LEU A 56 19.64 15.76 15.10
C LEU A 56 21.01 16.35 15.44
N LEU A 57 21.78 15.67 16.28
CA LEU A 57 23.06 16.22 16.76
C LEU A 57 24.28 15.46 16.27
N GLU A 58 24.11 14.20 15.93
CA GLU A 58 25.26 13.36 15.61
C GLU A 58 24.80 12.13 14.87
N ILE A 59 25.60 11.68 13.92
CA ILE A 59 25.29 10.46 13.18
C ILE A 59 26.56 9.74 12.73
N ALA A 60 26.59 8.43 12.90
CA ALA A 60 27.67 7.61 12.36
C ALA A 60 27.10 6.49 11.50
N ALA A 61 27.87 6.06 10.51
CA ALA A 61 27.44 4.98 9.64
C ALA A 61 28.60 4.02 9.36
N ILE A 62 28.32 2.73 9.37
CA ILE A 62 29.33 1.73 9.03
C ILE A 62 28.82 0.77 7.97
N THR A 63 29.49 0.77 6.82
CA THR A 63 29.17 -0.17 5.75
C THR A 63 29.86 -1.50 6.04
N LEU A 64 29.37 -2.56 5.41
CA LEU A 64 29.86 -3.90 5.69
C LEU A 64 30.29 -4.61 4.41
N LYS A 65 31.09 -5.65 4.56
CA LYS A 65 31.54 -6.45 3.44
C LYS A 65 31.69 -7.91 3.86
N MET A 66 31.65 -8.81 2.87
CA MET A 66 31.90 -10.22 3.11
C MET A 66 33.22 -10.66 2.49
N ASP A 67 34.06 -11.34 3.26
CA ASP A 67 35.31 -11.85 2.73
C ASP A 67 35.05 -13.00 1.76
N GLU A 68 36.08 -13.79 1.49
CA GLU A 68 35.96 -14.87 0.52
C GLU A 68 35.25 -16.08 1.12
N GLN A 69 35.43 -16.29 2.42
CA GLN A 69 34.82 -17.43 3.10
C GLN A 69 33.37 -17.14 3.53
N GLY A 70 32.89 -15.94 3.23
CA GLY A 70 31.51 -15.58 3.50
C GLY A 70 31.27 -15.02 4.89
N TRP A 71 32.31 -14.50 5.52
CA TRP A 71 32.17 -13.88 6.83
C TRP A 71 31.94 -12.37 6.68
N LEU A 72 31.11 -11.82 7.55
CA LEU A 72 30.72 -10.41 7.49
C LEU A 72 31.57 -9.56 8.42
N MET A 73 31.97 -8.38 7.95
CA MET A 73 32.84 -7.50 8.74
C MET A 73 32.66 -6.04 8.31
N PRO A 74 33.07 -5.10 9.17
CA PRO A 74 32.97 -3.67 8.85
C PRO A 74 33.84 -3.29 7.64
N ASP A 75 33.37 -2.31 6.88
CA ASP A 75 34.08 -1.85 5.71
C ASP A 75 34.56 -0.41 5.91
N THR A 76 33.63 0.54 5.87
CA THR A 76 33.97 1.95 6.02
C THR A 76 33.12 2.62 7.11
N THR A 77 33.77 3.45 7.92
CA THR A 77 33.06 4.20 8.95
C THR A 77 33.01 5.68 8.62
N LEU A 78 31.81 6.26 8.66
CA LEU A 78 31.63 7.69 8.54
C LEU A 78 31.05 8.24 9.83
N HIS A 79 31.52 9.41 10.23
CA HIS A 79 31.02 10.02 11.46
C HIS A 79 30.93 11.54 11.34
N PHE A 80 29.77 12.10 11.71
CA PHE A 80 29.56 13.55 11.65
C PHE A 80 28.88 14.06 12.91
N HIS A 81 29.32 15.23 13.38
CA HIS A 81 28.56 16.00 14.35
C HIS A 81 27.66 16.94 13.56
N VAL A 82 26.42 17.09 14.00
CA VAL A 82 25.43 17.82 13.21
C VAL A 82 24.90 19.06 13.94
N GLU A 83 24.87 20.17 13.22
CA GLU A 83 24.35 21.43 13.76
C GLU A 83 22.84 21.33 13.89
N PRO A 84 22.31 21.76 15.03
CA PRO A 84 20.85 21.84 15.18
C PRO A 84 20.26 22.61 14.02
N PHE A 85 19.26 22.05 13.34
CA PHE A 85 18.64 22.76 12.22
C PHE A 85 17.94 24.02 12.72
N VAL A 86 17.81 25.02 11.85
CA VAL A 86 17.22 26.30 12.24
C VAL A 86 15.85 26.14 12.90
N GLY A 87 15.73 26.66 14.11
CA GLY A 87 14.48 26.62 14.86
C GLY A 87 14.23 25.30 15.57
N ALA A 88 15.22 24.42 15.57
CA ALA A 88 15.05 23.10 16.18
C ALA A 88 14.77 23.19 17.68
N ASN A 89 13.94 22.27 18.17
CA ASN A 89 13.73 22.15 19.60
C ASN A 89 14.86 21.35 20.24
N LEU A 90 15.09 21.62 21.52
CA LEU A 90 16.13 20.93 22.27
C LEU A 90 15.61 20.59 23.66
N GLN A 91 15.68 19.32 24.04
CA GLN A 91 15.26 18.89 25.37
C GLN A 91 16.49 18.74 26.27
N PRO A 92 16.45 19.39 27.45
CA PRO A 92 17.59 19.36 28.39
C PRO A 92 17.96 17.93 28.78
N GLU A 93 16.96 17.10 29.01
CA GLU A 93 17.20 15.72 29.44
C GLU A 93 17.94 14.89 28.39
N ALA A 94 17.67 15.14 27.11
CA ALA A 94 18.38 14.45 26.03
C ALA A 94 19.85 14.83 26.02
N LEU A 95 20.13 16.11 26.22
CA LEU A 95 21.51 16.61 26.26
C LEU A 95 22.26 16.04 27.46
N ALA A 96 21.57 15.89 28.58
CA ALA A 96 22.16 15.29 29.76
C ALA A 96 22.51 13.83 29.46
N PHE A 97 21.61 13.14 28.74
CA PHE A 97 21.80 11.74 28.39
C PHE A 97 23.00 11.51 27.47
N ASN A 98 23.10 12.28 26.39
CA ASN A 98 24.20 12.08 25.44
C ASN A 98 25.45 12.93 25.72
N GLY A 99 25.32 13.91 26.60
CA GLY A 99 26.45 14.72 27.00
C GLY A 99 26.94 15.72 25.97
N ILE A 100 26.17 15.91 24.91
CA ILE A 100 26.58 16.81 23.83
C ILE A 100 26.30 18.29 24.12
N ASP A 101 27.28 19.13 23.83
CA ASP A 101 27.10 20.59 23.87
C ASP A 101 27.03 21.12 22.45
N PRO A 102 25.82 21.47 21.99
CA PRO A 102 25.57 21.93 20.61
C PRO A 102 26.44 23.12 20.18
N ASN A 103 26.74 24.02 21.11
CA ASN A 103 27.54 25.20 20.78
C ASN A 103 29.04 25.00 20.94
N ASP A 104 29.44 23.81 21.36
CA ASP A 104 30.85 23.49 21.51
C ASP A 104 31.57 23.80 20.19
N PRO A 105 32.38 24.87 20.18
CA PRO A 105 33.02 25.35 18.94
C PRO A 105 34.04 24.38 18.39
N ASP A 106 34.43 23.38 19.18
CA ASP A 106 35.40 22.37 18.76
C ASP A 106 34.69 21.10 18.32
N ARG A 107 33.36 21.17 18.23
CA ARG A 107 32.55 20.02 17.86
C ARG A 107 32.78 19.67 16.41
N GLY A 108 33.03 20.69 15.60
CA GLY A 108 33.22 20.51 14.17
C GLY A 108 31.93 20.09 13.50
N ALA A 109 30.82 20.72 13.90
CA ALA A 109 29.51 20.35 13.39
C ALA A 109 29.28 20.84 11.95
N VAL A 110 28.56 20.04 11.17
CA VAL A 110 28.15 20.44 9.83
C VAL A 110 26.63 20.40 9.72
N SER A 111 26.09 20.87 8.59
CA SER A 111 24.65 20.83 8.37
C SER A 111 24.19 19.39 8.19
N GLY A 112 22.91 19.13 8.47
CA GLY A 112 22.33 17.83 8.23
C GLY A 112 22.40 17.44 6.77
N TYR A 113 22.35 18.44 5.90
CA TYR A 113 22.46 18.20 4.46
C TYR A 113 23.83 17.61 4.12
N GLU A 114 24.88 18.25 4.63
CA GLU A 114 26.25 17.85 4.31
C GLU A 114 26.56 16.45 4.84
N ALA A 115 26.15 16.19 6.07
CA ALA A 115 26.38 14.89 6.70
C ALA A 115 25.66 13.78 5.94
N LEU A 116 24.35 13.97 5.74
CA LEU A 116 23.53 12.93 5.12
C LEU A 116 23.82 12.75 3.64
N HIS A 117 24.21 13.82 2.96
CA HIS A 117 24.52 13.71 1.54
C HIS A 117 25.74 12.82 1.31
N GLU A 118 26.76 12.97 2.16
CA GLU A 118 27.98 12.16 2.04
C GLU A 118 27.74 10.71 2.47
N ILE A 119 26.97 10.51 3.54
CA ILE A 119 26.60 9.15 3.94
C ILE A 119 25.80 8.45 2.83
N PHE A 120 24.79 9.14 2.31
CA PHE A 120 23.99 8.62 1.20
C PHE A 120 24.84 8.29 -0.02
N LYS A 121 25.79 9.16 -0.32
CA LYS A 121 26.65 8.98 -1.49
C LYS A 121 27.56 7.76 -1.35
N VAL A 122 28.15 7.58 -0.18
CA VAL A 122 29.01 6.41 0.04
C VAL A 122 28.17 5.13 -0.04
N VAL A 123 26.98 5.17 0.55
CA VAL A 123 26.04 4.05 0.46
C VAL A 123 25.61 3.77 -0.98
N ARG A 124 25.29 4.81 -1.73
CA ARG A 124 24.88 4.64 -3.12
C ARG A 124 25.98 3.98 -3.95
N LYS A 125 27.23 4.36 -3.69
CA LYS A 125 28.36 3.75 -4.38
C LYS A 125 28.46 2.27 -4.03
N GLY A 126 28.38 1.97 -2.74
CA GLY A 126 28.47 0.60 -2.27
C GLY A 126 27.41 -0.29 -2.91
N ILE A 127 26.22 0.26 -3.09
CA ILE A 127 25.10 -0.50 -3.61
C ILE A 127 25.32 -1.01 -5.03
N LYS A 128 25.58 -0.10 -5.96
CA LYS A 128 25.77 -0.49 -7.36
C LYS A 128 27.10 -1.19 -7.62
N ALA A 129 28.02 -1.08 -6.67
CA ALA A 129 29.31 -1.73 -6.79
C ALA A 129 29.28 -3.17 -6.27
N SER A 130 28.19 -3.53 -5.59
CA SER A 130 28.09 -4.84 -4.96
C SER A 130 26.95 -5.69 -5.52
N GLY A 131 26.05 -5.07 -6.26
CA GLY A 131 24.95 -5.79 -6.88
C GLY A 131 23.66 -5.80 -6.07
N CYS A 132 23.58 -4.93 -5.07
CA CYS A 132 22.36 -4.74 -4.30
C CYS A 132 21.48 -3.72 -5.01
N ASN A 133 20.26 -3.54 -4.54
CA ASN A 133 19.37 -2.54 -5.14
C ASN A 133 18.89 -1.49 -4.15
N ARG A 134 18.98 -1.80 -2.86
CA ARG A 134 18.56 -0.84 -1.84
C ARG A 134 19.32 -1.06 -0.54
N ALA A 135 19.53 0.02 0.21
CA ALA A 135 20.20 -0.07 1.50
C ALA A 135 19.16 -0.32 2.59
N ILE A 136 19.58 -1.01 3.66
CA ILE A 136 18.72 -1.20 4.81
C ILE A 136 19.46 -0.84 6.10
N MET A 137 18.83 -0.01 6.93
CA MET A 137 19.46 0.42 8.16
C MET A 137 19.55 -0.70 9.18
N VAL A 138 20.75 -0.91 9.72
CA VAL A 138 20.95 -1.79 10.85
C VAL A 138 21.24 -0.90 12.06
N ALA A 139 20.43 -1.01 13.11
CA ALA A 139 20.60 -0.16 14.27
C ALA A 139 19.97 -0.75 15.52
N HIS A 140 20.45 -0.31 16.68
CA HIS A 140 19.86 -0.76 17.93
C HIS A 140 18.63 0.09 18.23
N ASN A 141 17.49 -0.57 18.39
CA ASN A 141 16.21 0.11 18.43
C ASN A 141 16.04 0.97 17.18
N ALA A 142 16.05 0.29 16.03
CA ALA A 142 16.19 0.93 14.72
C ALA A 142 15.13 1.94 14.32
N ASN A 143 13.88 1.77 14.75
CA ASN A 143 12.84 2.71 14.33
C ASN A 143 13.11 4.12 14.85
N PHE A 144 13.75 4.21 16.01
CA PHE A 144 14.18 5.52 16.51
C PHE A 144 15.14 6.16 15.52
N ASP A 145 16.27 5.50 15.26
CA ASP A 145 17.30 6.07 14.40
C ASP A 145 16.78 6.29 12.98
N HIS A 146 15.96 5.35 12.51
CA HIS A 146 15.41 5.43 11.16
C HIS A 146 14.50 6.65 11.00
N SER A 147 13.62 6.85 11.97
CA SER A 147 12.71 7.99 11.94
C SER A 147 13.47 9.32 11.88
N PHE A 148 14.53 9.44 12.67
CA PHE A 148 15.32 10.67 12.69
C PHE A 148 16.08 10.90 11.39
N MET A 149 16.61 9.82 10.81
CA MET A 149 17.35 9.94 9.57
C MET A 149 16.42 10.38 8.44
N MET A 150 15.22 9.80 8.40
CA MET A 150 14.25 10.13 7.38
C MET A 150 13.79 11.59 7.51
N ALA A 151 13.52 12.02 8.73
CA ALA A 151 13.07 13.39 8.96
C ALA A 151 14.13 14.39 8.55
N ALA A 152 15.39 14.09 8.85
CA ALA A 152 16.49 14.98 8.49
C ALA A 152 16.70 15.00 6.97
N ALA A 153 16.56 13.85 6.33
CA ALA A 153 16.67 13.78 4.88
C ALA A 153 15.56 14.61 4.24
N GLU A 154 14.38 14.55 4.84
CA GLU A 154 13.23 15.31 4.36
C GLU A 154 13.51 16.81 4.47
N ARG A 155 13.97 17.24 5.64
CA ARG A 155 14.31 18.65 5.89
C ARG A 155 15.33 19.17 4.89
N ALA A 156 16.31 18.34 4.55
CA ALA A 156 17.39 18.74 3.66
C ALA A 156 16.99 18.61 2.19
N SER A 157 15.78 18.12 1.94
CA SER A 157 15.30 17.91 0.58
C SER A 157 16.25 17.05 -0.24
N LEU A 158 16.84 16.04 0.40
CA LEU A 158 17.69 15.11 -0.33
C LEU A 158 16.85 14.18 -1.19
N LYS A 159 17.00 14.30 -2.51
CA LYS A 159 16.18 13.56 -3.46
C LYS A 159 16.49 12.07 -3.50
N ARG A 160 17.78 11.73 -3.48
CA ARG A 160 18.20 10.35 -3.62
C ARG A 160 18.50 9.71 -2.27
N ASN A 161 17.52 9.01 -1.71
CA ASN A 161 17.69 8.31 -0.46
C ASN A 161 17.81 6.80 -0.71
N PRO A 162 19.02 6.25 -0.56
CA PRO A 162 19.28 4.84 -0.85
C PRO A 162 18.67 3.89 0.17
N PHE A 163 18.20 4.41 1.30
CA PHE A 163 17.68 3.57 2.38
C PHE A 163 16.21 3.20 2.16
N HIS A 164 15.87 1.96 2.48
CA HIS A 164 14.47 1.55 2.45
C HIS A 164 13.67 2.44 3.40
N PRO A 165 12.52 2.93 2.94
CA PRO A 165 11.69 3.87 3.70
C PRO A 165 11.01 3.31 4.95
N PHE A 166 10.95 2.00 5.13
CA PHE A 166 10.33 1.46 6.36
C PHE A 166 11.01 0.20 6.93
N ALA A 167 11.67 -0.57 6.08
CA ALA A 167 12.33 -1.80 6.54
C ALA A 167 13.62 -1.49 7.31
N THR A 168 13.85 -2.21 8.41
CA THR A 168 15.10 -2.10 9.15
C THR A 168 15.58 -3.45 9.70
N PHE A 169 16.84 -3.52 10.10
CA PHE A 169 17.34 -4.64 10.90
C PHE A 169 17.61 -4.15 12.32
N ASP A 170 16.65 -4.34 13.21
CA ASP A 170 16.80 -3.91 14.60
C ASP A 170 17.64 -4.89 15.42
N THR A 171 18.83 -4.47 15.82
CA THR A 171 19.73 -5.36 16.55
C THR A 171 19.27 -5.69 17.96
N ALA A 172 18.35 -4.89 18.51
CA ALA A 172 17.76 -5.21 19.79
C ALA A 172 16.96 -6.50 19.67
N ALA A 173 16.18 -6.60 18.60
CA ALA A 173 15.41 -7.82 18.31
C ALA A 173 16.34 -8.97 17.95
N LEU A 174 17.36 -8.68 17.15
CA LEU A 174 18.31 -9.72 16.74
C LEU A 174 19.08 -10.28 17.92
N ALA A 175 19.44 -9.39 18.86
CA ALA A 175 20.15 -9.79 20.08
C ALA A 175 19.23 -10.54 21.04
N GLY A 176 17.96 -10.15 21.05
CA GLY A 176 16.97 -10.88 21.84
C GLY A 176 16.95 -12.33 21.40
N LEU A 177 16.88 -12.55 20.09
CA LEU A 177 16.90 -13.90 19.54
C LEU A 177 18.21 -14.63 19.83
N ALA A 178 19.32 -14.01 19.50
CA ALA A 178 20.61 -14.70 19.50
C ALA A 178 21.29 -14.80 20.88
N LEU A 179 20.99 -13.86 21.76
CA LEU A 179 21.73 -13.73 23.02
C LEU A 179 20.82 -13.58 24.22
N GLY A 180 19.52 -13.53 23.97
CA GLY A 180 18.55 -13.34 25.03
C GLY A 180 18.71 -12.00 25.74
N GLN A 181 19.28 -11.03 25.04
CA GLN A 181 19.48 -9.68 25.58
C GLN A 181 19.04 -8.64 24.55
N THR A 182 18.38 -7.58 25.02
CA THR A 182 17.93 -6.53 24.11
C THR A 182 18.62 -5.19 24.36
N VAL A 183 19.35 -5.11 25.47
CA VAL A 183 20.10 -3.91 25.80
C VAL A 183 21.51 -4.01 25.22
N LEU A 184 21.91 -2.99 24.47
CA LEU A 184 23.16 -3.03 23.71
C LEU A 184 24.36 -3.48 24.54
N SER A 185 24.58 -2.82 25.67
CA SER A 185 25.73 -3.12 26.52
C SER A 185 25.74 -4.58 26.94
N LYS A 186 24.60 -5.06 27.45
CA LYS A 186 24.47 -6.44 27.91
C LYS A 186 24.62 -7.43 26.76
N ALA A 187 24.06 -7.09 25.60
CA ALA A 187 24.15 -7.95 24.43
C ALA A 187 25.61 -8.16 24.03
N CYS A 188 26.33 -7.05 23.88
CA CYS A 188 27.75 -7.11 23.53
C CYS A 188 28.53 -7.97 24.52
N GLN A 189 28.32 -7.72 25.81
CA GLN A 189 28.97 -8.50 26.86
C GLN A 189 28.66 -9.99 26.73
N THR A 190 27.37 -10.32 26.71
CA THR A 190 26.95 -11.71 26.53
C THR A 190 27.57 -12.29 25.25
N ALA A 191 27.71 -11.45 24.23
CA ALA A 191 28.31 -11.88 22.97
C ALA A 191 29.81 -12.16 23.11
N GLY A 192 30.38 -11.73 24.24
CA GLY A 192 31.81 -11.90 24.47
C GLY A 192 32.62 -10.73 23.95
N MET A 193 31.98 -9.56 23.86
CA MET A 193 32.62 -8.36 23.35
C MET A 193 33.01 -7.41 24.49
N ASP A 194 33.87 -6.45 24.17
CA ASP A 194 34.14 -5.35 25.09
C ASP A 194 33.01 -4.35 25.03
N PHE A 195 32.74 -3.68 26.14
CA PHE A 195 31.82 -2.54 26.13
C PHE A 195 32.13 -1.58 27.27
N ASP A 196 32.29 -0.30 26.93
CA ASP A 196 32.66 0.72 27.90
C ASP A 196 31.58 1.80 27.99
N SER A 197 30.82 1.78 29.10
CA SER A 197 29.74 2.73 29.32
C SER A 197 30.21 4.18 29.24
N THR A 198 31.48 4.39 29.57
CA THR A 198 32.06 5.73 29.51
C THR A 198 31.93 6.35 28.13
N GLN A 199 31.96 5.51 27.10
CA GLN A 199 31.98 6.00 25.72
C GLN A 199 30.62 5.91 25.04
N ALA A 200 29.67 5.23 25.67
CA ALA A 200 28.34 5.04 25.10
C ALA A 200 27.60 6.35 24.88
N HIS A 201 26.51 6.28 24.13
CA HIS A 201 25.70 7.47 23.81
C HIS A 201 26.51 8.45 22.97
N SER A 202 27.59 7.95 22.39
CA SER A 202 28.34 8.67 21.37
C SER A 202 28.22 7.91 20.07
N ALA A 203 27.79 8.60 19.02
CA ALA A 203 27.48 7.95 17.74
C ALA A 203 28.56 7.01 17.24
N LEU A 204 29.82 7.46 17.29
CA LEU A 204 30.92 6.68 16.73
C LEU A 204 31.11 5.36 17.48
N TYR A 205 31.24 5.45 18.80
CA TYR A 205 31.42 4.25 19.62
C TYR A 205 30.22 3.30 19.51
N ASP A 206 29.02 3.86 19.68
CA ASP A 206 27.80 3.05 19.61
C ASP A 206 27.66 2.33 18.28
N THR A 207 27.91 3.02 17.18
CA THR A 207 27.79 2.42 15.86
C THR A 207 28.78 1.29 15.67
N GLU A 208 30.00 1.48 16.17
CA GLU A 208 31.03 0.46 16.03
C GLU A 208 30.69 -0.80 16.82
N ARG A 209 30.19 -0.61 18.05
CA ARG A 209 29.78 -1.75 18.86
C ARG A 209 28.63 -2.50 18.20
N THR A 210 27.70 -1.73 17.62
CA THR A 210 26.55 -2.31 16.92
C THR A 210 26.96 -3.11 15.70
N ALA A 211 27.94 -2.59 14.95
CA ALA A 211 28.43 -3.26 13.76
C ALA A 211 29.06 -4.61 14.09
N VAL A 212 29.91 -4.62 15.11
CA VAL A 212 30.58 -5.84 15.53
C VAL A 212 29.57 -6.85 16.06
N LEU A 213 28.57 -6.37 16.79
CA LEU A 213 27.53 -7.23 17.33
C LEU A 213 26.72 -7.87 16.20
N PHE A 214 26.33 -7.07 15.22
CA PHE A 214 25.58 -7.57 14.07
C PHE A 214 26.38 -8.63 13.32
N CYS A 215 27.64 -8.30 13.02
CA CYS A 215 28.51 -9.23 12.32
C CYS A 215 28.68 -10.52 13.10
N GLU A 216 28.89 -10.39 14.41
CA GLU A 216 29.03 -11.56 15.28
C GLU A 216 27.78 -12.44 15.24
N ILE A 217 26.62 -11.82 15.32
CA ILE A 217 25.36 -12.55 15.28
C ILE A 217 25.21 -13.30 13.95
N VAL A 218 25.41 -12.60 12.84
CA VAL A 218 25.32 -13.21 11.53
C VAL A 218 26.35 -14.32 11.36
N ASN A 219 27.61 -14.03 11.67
CA ASN A 219 28.68 -15.01 11.54
C ASN A 219 28.42 -16.28 12.36
N ARG A 220 27.89 -16.09 13.56
CA ARG A 220 27.60 -17.21 14.45
C ARG A 220 26.52 -18.13 13.88
N TRP A 221 25.51 -17.52 13.24
CA TRP A 221 24.46 -18.29 12.60
C TRP A 221 25.05 -19.19 11.51
N LYS A 222 26.03 -18.65 10.80
CA LYS A 222 26.72 -19.38 9.73
C LYS A 222 27.54 -20.54 10.32
N ARG A 223 28.23 -20.27 11.42
CA ARG A 223 29.05 -21.28 12.06
C ARG A 223 28.20 -22.46 12.53
N LEU A 224 27.02 -22.16 13.06
CA LEU A 224 26.11 -23.18 13.56
C LEU A 224 25.47 -23.99 12.44
N GLY A 225 25.64 -23.52 11.21
CA GLY A 225 25.04 -24.19 10.06
C GLY A 225 23.67 -23.66 9.71
N GLY A 226 23.28 -22.56 10.35
CA GLY A 226 22.02 -21.91 10.04
C GLY A 226 22.05 -21.33 8.64
N TRP A 227 23.25 -21.01 8.18
CA TRP A 227 23.46 -20.53 6.83
C TRP A 227 24.63 -21.27 6.21
N PRO A 228 24.50 -21.66 4.93
CA PRO A 228 23.33 -21.40 4.10
C PRO A 228 22.20 -22.41 4.32
N LEU A 229 21.01 -22.09 3.82
CA LEU A 229 19.85 -22.96 3.96
C LEU A 229 19.99 -24.21 3.10
N SER A 230 20.36 -24.00 1.84
CA SER A 230 20.56 -25.09 0.90
C SER A 230 21.65 -24.68 -0.08
N ALA A 231 21.85 -25.48 -1.12
CA ALA A 231 22.77 -25.09 -2.19
C ALA A 231 22.35 -23.71 -2.67
N ALA A 232 23.31 -22.77 -2.62
CA ALA A 232 23.08 -21.34 -2.87
C ALA A 232 23.07 -20.57 -1.55
N THR B 28 6.97 -18.74 32.13
CA THR B 28 7.88 -19.65 32.81
C THR B 28 9.26 -19.62 32.15
N GLY B 29 9.64 -20.72 31.50
CA GLY B 29 10.85 -20.72 30.69
C GLY B 29 10.69 -19.64 29.64
N LEU B 30 9.45 -19.47 29.19
CA LEU B 30 9.09 -18.40 28.26
C LEU B 30 9.63 -17.06 28.75
N CYS B 31 9.33 -16.72 30.01
CA CYS B 31 9.71 -15.43 30.56
C CYS B 31 11.21 -15.32 30.87
N ASP B 32 11.91 -16.45 30.88
CA ASP B 32 13.36 -16.42 31.04
C ASP B 32 14.06 -16.29 29.68
N ARG B 33 13.39 -16.76 28.62
CA ARG B 33 13.99 -16.77 27.29
C ARG B 33 14.32 -15.36 26.79
N PHE B 34 13.47 -14.39 27.12
CA PHE B 34 13.65 -13.03 26.65
C PHE B 34 13.72 -12.02 27.81
N ARG B 35 14.40 -12.40 28.87
CA ARG B 35 14.61 -11.53 30.04
C ARG B 35 13.35 -10.82 30.53
N GLY B 36 12.28 -11.58 30.76
CA GLY B 36 11.09 -11.01 31.35
C GLY B 36 10.09 -10.44 30.36
N PHE B 37 10.47 -10.38 29.08
CA PHE B 37 9.56 -9.93 28.04
C PHE B 37 8.58 -11.04 27.67
N TYR B 38 7.30 -10.68 27.58
CA TYR B 38 6.25 -11.62 27.22
C TYR B 38 5.81 -11.36 25.76
N PRO B 39 6.38 -12.14 24.83
CA PRO B 39 6.19 -11.94 23.38
C PRO B 39 4.76 -12.21 22.93
N VAL B 40 4.11 -11.20 22.35
CA VAL B 40 2.76 -11.37 21.84
C VAL B 40 2.70 -10.99 20.37
N VAL B 41 2.18 -11.89 19.55
CA VAL B 41 2.16 -11.67 18.10
C VAL B 41 0.95 -10.84 17.71
N ILE B 42 1.21 -9.76 16.96
CA ILE B 42 0.16 -8.85 16.53
C ILE B 42 0.20 -8.60 15.03
N ASP B 43 -0.97 -8.44 14.44
CA ASP B 43 -1.07 -7.93 13.06
C ASP B 43 -2.29 -7.01 12.95
N VAL B 44 -2.15 -5.96 12.18
CA VAL B 44 -3.24 -5.02 11.95
C VAL B 44 -3.52 -4.88 10.45
N GLU B 45 -4.79 -4.63 10.12
CA GLU B 45 -5.15 -4.18 8.78
C GLU B 45 -5.67 -2.75 8.92
N THR B 46 -5.31 -1.90 7.96
CA THR B 46 -5.63 -0.48 8.07
C THR B 46 -6.20 0.08 6.78
N ALA B 47 -6.60 1.34 6.82
CA ALA B 47 -7.07 2.03 5.62
C ALA B 47 -6.02 3.03 5.10
N GLY B 48 -4.76 2.80 5.48
CA GLY B 48 -3.67 3.68 5.06
C GLY B 48 -2.43 3.53 5.92
N PHE B 49 -1.37 4.25 5.58
CA PHE B 49 -0.10 4.09 6.28
C PHE B 49 0.13 5.07 7.43
N ASN B 50 -0.80 5.99 7.64
CA ASN B 50 -0.64 6.98 8.70
C ASN B 50 -1.37 6.57 9.98
N ALA B 51 -0.59 6.23 11.00
CA ALA B 51 -1.14 5.68 12.24
C ALA B 51 -1.97 6.69 13.04
N LYS B 52 -1.73 7.97 12.80
CA LYS B 52 -2.45 9.01 13.53
C LYS B 52 -3.82 9.31 12.92
N THR B 53 -3.91 9.24 11.60
CA THR B 53 -5.10 9.75 10.90
C THR B 53 -5.90 8.70 10.13
N ASP B 54 -5.26 7.58 9.79
CA ASP B 54 -5.93 6.52 9.01
C ASP B 54 -6.59 5.50 9.92
N ALA B 55 -7.72 4.95 9.48
CA ALA B 55 -8.48 4.01 10.30
C ALA B 55 -7.77 2.68 10.54
N LEU B 56 -7.86 2.19 11.77
CA LEU B 56 -7.53 0.81 12.09
C LEU B 56 -8.76 -0.01 11.74
N LEU B 57 -8.57 -1.11 11.02
CA LEU B 57 -9.70 -1.89 10.50
C LEU B 57 -9.80 -3.30 11.09
N GLU B 58 -8.66 -3.92 11.37
CA GLU B 58 -8.62 -5.25 11.96
C GLU B 58 -7.40 -5.39 12.87
N ILE B 59 -7.53 -6.22 13.90
CA ILE B 59 -6.41 -6.54 14.75
C ILE B 59 -6.56 -7.95 15.31
N ALA B 60 -5.46 -8.70 15.29
CA ALA B 60 -5.46 -10.04 15.87
C ALA B 60 -4.25 -10.17 16.78
N ALA B 61 -4.37 -11.03 17.78
CA ALA B 61 -3.30 -11.23 18.75
C ALA B 61 -3.15 -12.69 19.08
N ILE B 62 -1.90 -13.14 19.17
CA ILE B 62 -1.61 -14.52 19.51
C ILE B 62 -0.49 -14.57 20.54
N THR B 63 -0.83 -15.05 21.74
CA THR B 63 0.16 -15.23 22.78
C THR B 63 0.89 -16.55 22.55
N LEU B 64 2.04 -16.70 23.18
CA LEU B 64 2.88 -17.89 22.97
C LEU B 64 3.14 -18.62 24.27
N LYS B 65 3.56 -19.88 24.14
CA LYS B 65 3.92 -20.70 25.28
C LYS B 65 5.13 -21.56 24.95
N MET B 66 5.83 -22.03 25.98
CA MET B 66 6.97 -22.92 25.81
C MET B 66 6.66 -24.27 26.43
N ASP B 67 6.91 -25.35 25.69
CA ASP B 67 6.61 -26.69 26.20
C ASP B 67 7.74 -27.27 27.04
N GLU B 68 7.59 -28.56 27.39
CA GLU B 68 8.55 -29.24 28.25
C GLU B 68 9.97 -29.25 27.70
N GLN B 69 10.09 -29.47 26.40
CA GLN B 69 11.38 -29.54 25.73
C GLN B 69 11.93 -28.15 25.45
N GLY B 70 11.11 -27.14 25.70
CA GLY B 70 11.53 -25.76 25.53
C GLY B 70 11.32 -25.25 24.12
N TRP B 71 10.34 -25.81 23.41
CA TRP B 71 10.00 -25.31 22.09
C TRP B 71 8.89 -24.26 22.20
N LEU B 72 8.97 -23.23 21.36
CA LEU B 72 7.99 -22.16 21.34
C LEU B 72 6.81 -22.50 20.43
N MET B 73 5.60 -22.21 20.89
CA MET B 73 4.40 -22.47 20.11
C MET B 73 3.28 -21.51 20.49
N PRO B 74 2.30 -21.31 19.58
CA PRO B 74 1.13 -20.46 19.81
C PRO B 74 0.28 -20.94 20.99
N ASP B 75 -0.24 -20.01 21.77
CA ASP B 75 -1.09 -20.32 22.91
C ASP B 75 -2.54 -19.90 22.62
N THR B 76 -2.85 -18.63 22.90
CA THR B 76 -4.22 -18.13 22.71
C THR B 76 -4.33 -17.19 21.52
N THR B 77 -5.46 -17.26 20.81
CA THR B 77 -5.69 -16.42 19.64
C THR B 77 -6.92 -15.52 19.82
N LEU B 78 -6.73 -14.21 19.66
CA LEU B 78 -7.84 -13.25 19.62
C LEU B 78 -7.88 -12.57 18.26
N HIS B 79 -9.07 -12.18 17.83
CA HIS B 79 -9.22 -11.43 16.58
C HIS B 79 -10.46 -10.53 16.62
N PHE B 80 -10.32 -9.34 16.05
CA PHE B 80 -11.39 -8.36 16.04
C PHE B 80 -11.44 -7.61 14.72
N HIS B 81 -12.64 -7.39 14.22
CA HIS B 81 -12.86 -6.43 13.16
C HIS B 81 -13.16 -5.10 13.83
N VAL B 82 -12.49 -4.03 13.38
CA VAL B 82 -12.55 -2.75 14.06
C VAL B 82 -13.30 -1.68 13.27
N GLU B 83 -14.24 -1.02 13.93
CA GLU B 83 -14.98 0.09 13.34
C GLU B 83 -14.05 1.31 13.20
N PRO B 84 -14.04 1.93 12.01
CA PRO B 84 -13.22 3.13 11.80
C PRO B 84 -13.57 4.24 12.79
N PHE B 85 -12.59 4.73 13.54
CA PHE B 85 -12.86 5.78 14.52
C PHE B 85 -13.42 7.03 13.87
N VAL B 86 -14.15 7.83 14.65
CA VAL B 86 -14.77 9.04 14.12
C VAL B 86 -13.72 10.03 13.63
N GLY B 87 -13.83 10.44 12.36
CA GLY B 87 -12.91 11.39 11.78
C GLY B 87 -11.75 10.76 11.05
N ALA B 88 -11.75 9.43 10.98
CA ALA B 88 -10.65 8.68 10.35
C ALA B 88 -10.64 8.85 8.83
N ASN B 89 -9.45 8.83 8.25
CA ASN B 89 -9.31 8.89 6.80
C ASN B 89 -9.29 7.49 6.19
N LEU B 90 -9.55 7.41 4.89
CA LEU B 90 -9.68 6.14 4.19
C LEU B 90 -9.01 6.25 2.83
N GLN B 91 -8.02 5.40 2.58
CA GLN B 91 -7.34 5.39 1.30
C GLN B 91 -7.84 4.24 0.43
N PRO B 92 -8.52 4.56 -0.68
CA PRO B 92 -9.13 3.56 -1.55
C PRO B 92 -8.14 2.48 -1.95
N GLU B 93 -6.88 2.85 -2.14
CA GLU B 93 -5.85 1.90 -2.53
C GLU B 93 -5.61 0.84 -1.44
N ALA B 94 -5.64 1.26 -0.18
CA ALA B 94 -5.50 0.33 0.93
C ALA B 94 -6.70 -0.59 1.03
N LEU B 95 -7.89 -0.05 0.78
CA LEU B 95 -9.12 -0.83 0.86
C LEU B 95 -9.24 -1.81 -0.29
N ALA B 96 -8.78 -1.41 -1.48
CA ALA B 96 -8.74 -2.31 -2.62
C ALA B 96 -7.81 -3.48 -2.32
N PHE B 97 -6.69 -3.17 -1.68
CA PHE B 97 -5.68 -4.18 -1.37
C PHE B 97 -6.19 -5.24 -0.40
N ASN B 98 -6.70 -4.81 0.75
CA ASN B 98 -7.17 -5.73 1.77
C ASN B 98 -8.63 -6.14 1.61
N GLY B 99 -9.31 -5.53 0.65
CA GLY B 99 -10.67 -5.90 0.32
C GLY B 99 -11.72 -5.52 1.36
N ILE B 100 -11.29 -4.75 2.37
CA ILE B 100 -12.20 -4.37 3.44
C ILE B 100 -13.11 -3.21 3.05
N ASP B 101 -14.38 -3.32 3.42
CA ASP B 101 -15.35 -2.26 3.17
C ASP B 101 -16.00 -1.85 4.48
N PRO B 102 -15.48 -0.77 5.10
CA PRO B 102 -15.88 -0.29 6.42
C PRO B 102 -17.38 -0.06 6.59
N ASN B 103 -18.13 0.00 5.50
CA ASN B 103 -19.58 0.20 5.59
C ASN B 103 -20.37 -1.04 5.19
N ASP B 104 -19.83 -2.21 5.53
CA ASP B 104 -20.52 -3.48 5.30
C ASP B 104 -21.51 -3.71 6.43
N PRO B 105 -22.79 -3.89 6.07
CA PRO B 105 -23.90 -4.03 7.01
C PRO B 105 -23.50 -4.73 8.31
N ASP B 106 -22.81 -5.86 8.21
CA ASP B 106 -22.40 -6.61 9.39
C ASP B 106 -20.97 -7.13 9.33
N ARG B 107 -20.01 -6.22 9.38
CA ARG B 107 -18.60 -6.61 9.50
C ARG B 107 -18.41 -7.28 10.85
N GLY B 108 -19.40 -7.13 11.72
CA GLY B 108 -19.29 -7.59 13.08
C GLY B 108 -18.24 -6.78 13.80
N ALA B 109 -18.04 -5.55 13.35
CA ALA B 109 -16.97 -4.70 13.88
C ALA B 109 -17.28 -4.15 15.26
N VAL B 110 -16.23 -4.00 16.07
CA VAL B 110 -16.35 -3.38 17.38
C VAL B 110 -15.45 -2.15 17.41
N SER B 111 -15.61 -1.32 18.43
CA SER B 111 -14.78 -0.13 18.56
C SER B 111 -13.34 -0.52 18.89
N GLY B 112 -12.40 0.36 18.56
CA GLY B 112 -11.01 0.13 18.91
C GLY B 112 -10.85 -0.13 20.40
N TYR B 113 -11.58 0.64 21.21
CA TYR B 113 -11.52 0.46 22.66
C TYR B 113 -11.86 -0.97 23.06
N GLU B 114 -12.89 -1.53 22.43
CA GLU B 114 -13.36 -2.87 22.77
C GLU B 114 -12.29 -3.92 22.44
N ALA B 115 -11.73 -3.85 21.24
CA ALA B 115 -10.71 -4.79 20.83
C ALA B 115 -9.48 -4.72 21.73
N LEU B 116 -8.95 -3.51 21.91
CA LEU B 116 -7.72 -3.34 22.70
C LEU B 116 -7.92 -3.68 24.18
N HIS B 117 -9.07 -3.33 24.73
CA HIS B 117 -9.34 -3.65 26.13
C HIS B 117 -9.26 -5.17 26.35
N GLU B 118 -9.88 -5.91 25.44
CA GLU B 118 -9.89 -7.37 25.52
C GLU B 118 -8.49 -7.95 25.34
N ILE B 119 -7.76 -7.45 24.35
CA ILE B 119 -6.40 -7.89 24.10
C ILE B 119 -5.50 -7.64 25.31
N PHE B 120 -5.50 -6.40 25.81
CA PHE B 120 -4.70 -6.03 26.96
C PHE B 120 -5.04 -6.88 28.19
N LYS B 121 -6.30 -7.24 28.33
CA LYS B 121 -6.75 -8.07 29.45
C LYS B 121 -6.15 -9.46 29.37
N VAL B 122 -6.30 -10.11 28.22
CA VAL B 122 -5.73 -11.44 28.01
C VAL B 122 -4.22 -11.41 28.19
N VAL B 123 -3.58 -10.36 27.65
CA VAL B 123 -2.13 -10.22 27.74
C VAL B 123 -1.65 -10.04 29.19
N ARG B 124 -2.31 -9.18 29.94
CA ARG B 124 -2.00 -9.01 31.37
C ARG B 124 -2.10 -10.34 32.10
N LYS B 125 -3.15 -11.10 31.81
CA LYS B 125 -3.32 -12.40 32.44
C LYS B 125 -2.08 -13.25 32.15
N GLY B 126 -1.68 -13.29 30.89
CA GLY B 126 -0.52 -14.05 30.47
C GLY B 126 0.74 -13.66 31.21
N ILE B 127 0.98 -12.35 31.32
CA ILE B 127 2.14 -11.84 32.02
C ILE B 127 2.20 -12.33 33.47
N LYS B 128 1.08 -12.25 34.17
CA LYS B 128 1.01 -12.68 35.56
C LYS B 128 1.28 -14.18 35.70
N ALA B 129 0.56 -14.98 34.92
CA ALA B 129 0.64 -16.43 35.01
C ALA B 129 2.05 -16.97 34.74
N SER B 130 2.76 -16.32 33.82
CA SER B 130 4.06 -16.82 33.38
C SER B 130 5.23 -16.18 34.11
N GLY B 131 4.98 -15.06 34.78
CA GLY B 131 6.01 -14.38 35.55
C GLY B 131 6.91 -13.48 34.73
N CYS B 132 6.38 -12.91 33.65
CA CYS B 132 7.08 -11.86 32.92
C CYS B 132 6.73 -10.54 33.60
N ASN B 133 7.34 -9.44 33.16
CA ASN B 133 7.02 -8.14 33.73
C ASN B 133 6.51 -7.11 32.71
N ARG B 134 6.66 -7.42 31.42
CA ARG B 134 6.15 -6.56 30.37
C ARG B 134 5.91 -7.39 29.11
N ALA B 135 5.03 -6.90 28.24
CA ALA B 135 4.80 -7.56 26.96
C ALA B 135 5.61 -6.88 25.87
N ILE B 136 6.00 -7.64 24.85
CA ILE B 136 6.64 -7.04 23.68
C ILE B 136 5.94 -7.52 22.41
N MET B 137 5.71 -6.59 21.49
CA MET B 137 5.01 -6.94 20.27
C MET B 137 5.90 -7.68 19.28
N VAL B 138 5.40 -8.80 18.80
CA VAL B 138 6.02 -9.52 17.71
C VAL B 138 5.15 -9.29 16.47
N ALA B 139 5.71 -8.63 15.47
CA ALA B 139 4.99 -8.38 14.23
C ALA B 139 5.94 -8.27 13.04
N HIS B 140 5.42 -8.49 11.84
CA HIS B 140 6.20 -8.32 10.62
C HIS B 140 6.19 -6.86 10.20
N ASN B 141 7.38 -6.27 10.08
CA ASN B 141 7.50 -4.83 10.00
C ASN B 141 6.80 -4.23 11.21
N ALA B 142 7.29 -4.61 12.38
CA ALA B 142 6.65 -4.34 13.66
C ALA B 142 6.36 -2.86 13.94
N ASN B 143 7.20 -1.97 13.43
CA ASN B 143 7.01 -0.55 13.69
C ASN B 143 5.65 -0.06 13.24
N PHE B 144 5.22 -0.54 12.08
CA PHE B 144 3.93 -0.18 11.51
C PHE B 144 2.78 -0.58 12.43
N ASP B 145 2.68 -1.87 12.73
CA ASP B 145 1.63 -2.38 13.61
C ASP B 145 1.70 -1.74 14.99
N HIS B 146 2.92 -1.55 15.49
CA HIS B 146 3.12 -0.98 16.82
C HIS B 146 2.57 0.45 16.92
N SER B 147 2.89 1.27 15.93
CA SER B 147 2.41 2.65 15.91
C SER B 147 0.88 2.73 15.83
N PHE B 148 0.28 1.87 15.01
CA PHE B 148 -1.18 1.84 14.90
C PHE B 148 -1.82 1.38 16.19
N MET B 149 -1.21 0.40 16.85
CA MET B 149 -1.76 -0.10 18.10
C MET B 149 -1.69 0.97 19.20
N MET B 150 -0.57 1.68 19.25
CA MET B 150 -0.40 2.75 20.24
C MET B 150 -1.37 3.89 19.99
N ALA B 151 -1.55 4.26 18.72
CA ALA B 151 -2.45 5.36 18.38
C ALA B 151 -3.88 5.03 18.79
N ALA B 152 -4.30 3.79 18.52
CA ALA B 152 -5.65 3.35 18.87
C ALA B 152 -5.85 3.34 20.39
N ALA B 153 -4.78 3.05 21.12
CA ALA B 153 -4.84 3.02 22.59
C ALA B 153 -5.01 4.41 23.17
N GLU B 154 -4.17 5.35 22.72
CA GLU B 154 -4.29 6.75 23.10
C GLU B 154 -5.72 7.23 22.83
N ARG B 155 -6.16 7.04 21.59
CA ARG B 155 -7.49 7.39 21.14
C ARG B 155 -8.57 6.87 22.10
N ALA B 156 -8.39 5.66 22.59
CA ALA B 156 -9.36 5.02 23.48
C ALA B 156 -9.08 5.34 24.94
N SER B 157 -8.12 6.22 25.18
CA SER B 157 -7.75 6.61 26.53
C SER B 157 -7.53 5.42 27.45
N LEU B 158 -7.03 4.31 26.89
CA LEU B 158 -6.70 3.14 27.68
C LEU B 158 -5.42 3.39 28.48
N LYS B 159 -5.39 2.86 29.70
CA LYS B 159 -4.19 2.96 30.53
C LYS B 159 -3.76 1.57 30.99
N ARG B 160 -2.54 1.47 31.50
CA ARG B 160 -1.95 0.17 31.81
C ARG B 160 -1.87 -0.65 30.53
N ASN B 161 -1.31 -0.02 29.49
CA ASN B 161 -0.95 -0.73 28.28
C ASN B 161 0.21 -1.66 28.64
N PRO B 162 -0.02 -2.97 28.60
CA PRO B 162 1.04 -3.91 29.01
C PRO B 162 2.21 -3.95 28.03
N PHE B 163 2.02 -3.43 26.82
CA PHE B 163 3.07 -3.47 25.80
C PHE B 163 4.14 -2.42 26.02
N HIS B 164 5.40 -2.80 25.81
CA HIS B 164 6.50 -1.86 25.87
C HIS B 164 6.33 -0.78 24.81
N PRO B 165 6.56 0.48 25.18
CA PRO B 165 6.31 1.61 24.28
C PRO B 165 7.33 1.79 23.15
N PHE B 166 8.47 1.12 23.21
CA PHE B 166 9.50 1.30 22.18
C PHE B 166 9.98 -0.01 21.56
N ALA B 167 10.20 -1.02 22.40
CA ALA B 167 10.78 -2.28 21.96
C ALA B 167 9.78 -3.14 21.19
N THR B 168 10.27 -3.84 20.17
CA THR B 168 9.48 -4.79 19.40
C THR B 168 10.38 -5.92 18.92
N PHE B 169 9.78 -7.05 18.57
CA PHE B 169 10.50 -8.10 17.84
C PHE B 169 9.99 -8.14 16.40
N ASP B 170 10.74 -7.51 15.50
CA ASP B 170 10.34 -7.43 14.09
C ASP B 170 10.75 -8.68 13.33
N THR B 171 9.77 -9.47 12.91
CA THR B 171 10.05 -10.73 12.21
C THR B 171 10.62 -10.54 10.81
N ALA B 172 10.52 -9.32 10.27
CA ALA B 172 11.16 -9.03 8.99
C ALA B 172 12.67 -9.02 9.16
N ALA B 173 13.14 -8.44 10.25
CA ALA B 173 14.56 -8.45 10.58
C ALA B 173 15.03 -9.85 10.98
N LEU B 174 14.23 -10.53 11.80
CA LEU B 174 14.58 -11.88 12.26
C LEU B 174 14.64 -12.86 11.09
N ALA B 175 13.72 -12.73 10.15
CA ALA B 175 13.69 -13.60 8.98
C ALA B 175 14.85 -13.27 8.05
N GLY B 176 15.29 -12.01 8.06
CA GLY B 176 16.45 -11.61 7.28
C GLY B 176 17.68 -12.34 7.76
N LEU B 177 17.91 -12.31 9.07
CA LEU B 177 19.00 -13.05 9.67
C LEU B 177 18.89 -14.55 9.37
N ALA B 178 17.78 -15.13 9.77
CA ALA B 178 17.64 -16.59 9.77
C ALA B 178 17.38 -17.20 8.39
N LEU B 179 16.72 -16.45 7.52
CA LEU B 179 16.25 -16.98 6.24
C LEU B 179 16.71 -16.17 5.03
N GLY B 180 17.22 -14.98 5.27
CA GLY B 180 17.62 -14.08 4.19
C GLY B 180 16.43 -13.49 3.45
N GLN B 181 15.26 -13.54 4.08
CA GLN B 181 14.04 -12.99 3.48
C GLN B 181 13.37 -11.99 4.43
N THR B 182 12.93 -10.86 3.90
CA THR B 182 12.27 -9.85 4.72
C THR B 182 10.77 -9.73 4.42
N VAL B 183 10.33 -10.30 3.29
CA VAL B 183 8.91 -10.28 2.95
C VAL B 183 8.21 -11.48 3.60
N LEU B 184 7.09 -11.20 4.27
CA LEU B 184 6.40 -12.24 5.03
C LEU B 184 6.14 -13.51 4.23
N SER B 185 5.39 -13.41 3.14
CA SER B 185 5.05 -14.59 2.35
C SER B 185 6.29 -15.35 1.93
N LYS B 186 7.30 -14.64 1.44
CA LYS B 186 8.56 -15.25 1.02
C LYS B 186 9.28 -15.95 2.17
N ALA B 187 9.31 -15.30 3.34
CA ALA B 187 10.01 -15.86 4.48
C ALA B 187 9.36 -17.16 4.95
N CYS B 188 8.03 -17.18 4.99
CA CYS B 188 7.30 -18.38 5.35
C CYS B 188 7.60 -19.54 4.40
N GLN B 189 7.48 -19.27 3.10
CA GLN B 189 7.75 -20.30 2.09
C GLN B 189 9.19 -20.78 2.18
N THR B 190 10.12 -19.85 2.34
CA THR B 190 11.53 -20.20 2.50
C THR B 190 11.76 -21.07 3.73
N ALA B 191 10.94 -20.88 4.75
CA ALA B 191 11.05 -21.65 5.99
C ALA B 191 10.37 -23.02 5.86
N GLY B 192 9.67 -23.22 4.74
CA GLY B 192 9.01 -24.47 4.47
C GLY B 192 7.51 -24.46 4.75
N MET B 193 7.01 -23.32 5.21
CA MET B 193 5.61 -23.19 5.55
C MET B 193 4.77 -22.93 4.32
N ASP B 194 3.46 -23.19 4.44
CA ASP B 194 2.52 -22.79 3.41
C ASP B 194 2.17 -21.32 3.59
N PHE B 195 1.92 -20.62 2.49
CA PHE B 195 1.39 -19.26 2.55
C PHE B 195 0.35 -19.05 1.47
N ASP B 196 -0.90 -18.93 1.89
CA ASP B 196 -2.04 -18.84 0.98
C ASP B 196 -2.38 -17.38 0.66
N SER B 197 -2.07 -16.97 -0.56
CA SER B 197 -2.35 -15.60 -1.01
C SER B 197 -3.84 -15.28 -0.99
N THR B 198 -4.67 -16.33 -0.98
CA THR B 198 -6.11 -16.16 -0.98
C THR B 198 -6.62 -15.73 0.39
N GLN B 199 -5.82 -15.97 1.43
CA GLN B 199 -6.19 -15.60 2.78
C GLN B 199 -5.32 -14.46 3.30
N ALA B 200 -4.26 -14.14 2.58
CA ALA B 200 -3.33 -13.11 3.00
C ALA B 200 -4.01 -11.75 3.19
N HIS B 201 -3.46 -10.96 4.11
CA HIS B 201 -3.94 -9.60 4.36
C HIS B 201 -5.28 -9.60 5.09
N SER B 202 -5.48 -10.65 5.88
CA SER B 202 -6.52 -10.68 6.90
C SER B 202 -5.78 -10.79 8.22
N ALA B 203 -6.14 -9.94 9.18
CA ALA B 203 -5.42 -9.92 10.45
C ALA B 203 -5.23 -11.33 11.01
N LEU B 204 -6.28 -12.13 10.97
CA LEU B 204 -6.24 -13.49 11.49
C LEU B 204 -5.19 -14.34 10.80
N TYR B 205 -5.27 -14.42 9.47
CA TYR B 205 -4.36 -15.29 8.72
C TYR B 205 -2.90 -14.84 8.86
N ASP B 206 -2.67 -13.55 8.65
CA ASP B 206 -1.32 -13.00 8.76
C ASP B 206 -0.72 -13.16 10.15
N THR B 207 -1.54 -12.98 11.18
CA THR B 207 -1.06 -13.10 12.55
C THR B 207 -0.60 -14.53 12.84
N GLU B 208 -1.41 -15.50 12.40
CA GLU B 208 -1.08 -16.90 12.62
C GLU B 208 0.20 -17.30 11.89
N ARG B 209 0.35 -16.87 10.63
CA ARG B 209 1.57 -17.14 9.88
C ARG B 209 2.78 -16.47 10.55
N THR B 210 2.60 -15.24 11.04
CA THR B 210 3.67 -14.52 11.73
C THR B 210 4.11 -15.24 13.00
N ALA B 211 3.15 -15.74 13.76
CA ALA B 211 3.43 -16.45 15.01
C ALA B 211 4.20 -17.75 14.76
N VAL B 212 3.75 -18.52 13.77
CA VAL B 212 4.42 -19.76 13.43
C VAL B 212 5.84 -19.49 12.89
N LEU B 213 5.97 -18.43 12.11
CA LEU B 213 7.28 -18.02 11.58
C LEU B 213 8.25 -17.66 12.72
N PHE B 214 7.76 -16.89 13.68
CA PHE B 214 8.57 -16.46 14.81
C PHE B 214 8.99 -17.65 15.66
N CYS B 215 8.05 -18.54 15.95
CA CYS B 215 8.34 -19.73 16.71
C CYS B 215 9.37 -20.61 15.99
N GLU B 216 9.16 -20.81 14.68
CA GLU B 216 10.11 -21.58 13.88
C GLU B 216 11.53 -21.00 13.93
N ILE B 217 11.64 -19.68 13.89
CA ILE B 217 12.95 -19.02 13.94
C ILE B 217 13.63 -19.18 15.30
N VAL B 218 12.88 -18.96 16.37
CA VAL B 218 13.41 -19.13 17.72
C VAL B 218 13.77 -20.60 17.96
N ASN B 219 12.87 -21.51 17.58
CA ASN B 219 13.11 -22.94 17.71
C ASN B 219 14.32 -23.41 16.91
N ARG B 220 14.47 -22.89 15.69
CA ARG B 220 15.61 -23.28 14.85
C ARG B 220 16.94 -22.87 15.47
N TRP B 221 16.97 -21.66 16.04
CA TRP B 221 18.18 -21.17 16.71
C TRP B 221 18.58 -22.15 17.82
N LYS B 222 17.60 -22.58 18.60
CA LYS B 222 17.83 -23.55 19.67
C LYS B 222 18.27 -24.90 19.10
N ARG B 223 17.54 -25.39 18.11
CA ARG B 223 17.84 -26.67 17.47
C ARG B 223 19.28 -26.76 16.98
N LEU B 224 19.78 -25.69 16.36
CA LEU B 224 21.14 -25.72 15.82
C LEU B 224 22.20 -25.44 16.89
N GLY B 225 21.77 -25.41 18.16
CA GLY B 225 22.70 -25.25 19.26
C GLY B 225 23.14 -23.81 19.52
N GLY B 226 22.30 -22.85 19.14
CA GLY B 226 22.58 -21.45 19.40
C GLY B 226 22.08 -21.03 20.77
N TRP B 227 21.10 -21.77 21.27
CA TRP B 227 20.54 -21.53 22.60
C TRP B 227 20.32 -22.88 23.29
N PRO B 228 20.62 -22.95 24.59
CA PRO B 228 21.12 -21.87 25.45
C PRO B 228 22.59 -21.56 25.18
N LEU B 229 23.08 -20.44 25.71
CA LEU B 229 24.47 -20.03 25.48
C LEU B 229 25.46 -21.07 26.01
N GLY C 29 -9.70 -5.27 -37.09
CA GLY C 29 -8.33 -4.88 -36.83
C GLY C 29 -8.15 -4.44 -35.38
N LEU C 30 -7.17 -5.02 -34.70
CA LEU C 30 -6.97 -4.76 -33.29
C LEU C 30 -6.94 -3.28 -32.94
N CYS C 31 -6.03 -2.53 -33.57
CA CYS C 31 -5.85 -1.12 -33.23
C CYS C 31 -6.79 -0.18 -34.00
N ASP C 32 -7.78 -0.75 -34.67
CA ASP C 32 -8.90 0.01 -35.18
C ASP C 32 -10.02 -0.11 -34.16
N ARG C 33 -10.07 -1.27 -33.51
CA ARG C 33 -11.11 -1.59 -32.55
C ARG C 33 -11.12 -0.68 -31.31
N PHE C 34 -9.94 -0.35 -30.80
CA PHE C 34 -9.85 0.49 -29.61
C PHE C 34 -9.07 1.80 -29.82
N ARG C 35 -9.30 2.43 -30.97
CA ARG C 35 -8.69 3.74 -31.27
C ARG C 35 -7.18 3.80 -31.00
N GLY C 36 -6.43 2.88 -31.60
CA GLY C 36 -4.98 2.92 -31.48
C GLY C 36 -4.41 2.31 -30.21
N PHE C 37 -5.28 1.82 -29.33
CA PHE C 37 -4.80 1.18 -28.11
C PHE C 37 -4.57 -0.33 -28.31
N TYR C 38 -3.44 -0.80 -27.80
CA TYR C 38 -3.09 -2.22 -27.82
C TYR C 38 -3.35 -2.78 -26.43
N PRO C 39 -4.47 -3.50 -26.26
CA PRO C 39 -4.93 -3.91 -24.91
C PRO C 39 -4.12 -5.04 -24.33
N VAL C 40 -3.61 -4.84 -23.11
CA VAL C 40 -2.81 -5.87 -22.45
C VAL C 40 -3.36 -6.14 -21.06
N VAL C 41 -3.73 -7.39 -20.82
CA VAL C 41 -4.25 -7.80 -19.52
C VAL C 41 -3.08 -7.95 -18.54
N ILE C 42 -3.18 -7.28 -17.40
CA ILE C 42 -2.12 -7.29 -16.41
C ILE C 42 -2.67 -7.56 -15.02
N ASP C 43 -1.95 -8.36 -14.25
CA ASP C 43 -2.24 -8.50 -12.83
C ASP C 43 -0.94 -8.48 -12.03
N VAL C 44 -0.99 -7.80 -10.89
CA VAL C 44 0.20 -7.63 -10.06
C VAL C 44 -0.08 -8.11 -8.62
N GLU C 45 0.83 -8.90 -8.08
CA GLU C 45 0.78 -9.30 -6.68
C GLU C 45 1.88 -8.57 -5.92
N THR C 46 1.52 -7.95 -4.80
CA THR C 46 2.48 -7.12 -4.06
C THR C 46 2.45 -7.38 -2.57
N ALA C 47 3.51 -6.97 -1.87
CA ALA C 47 3.61 -7.17 -0.43
C ALA C 47 2.79 -6.14 0.35
N GLY C 48 2.46 -5.03 -0.29
CA GLY C 48 1.67 -3.98 0.35
C GLY C 48 0.87 -3.16 -0.65
N PHE C 49 0.08 -2.22 -0.12
CA PHE C 49 -0.83 -1.43 -0.97
C PHE C 49 -0.17 -0.17 -1.51
N ASN C 50 0.93 0.25 -0.89
CA ASN C 50 1.57 1.51 -1.24
C ASN C 50 2.47 1.39 -2.46
N ALA C 51 1.96 1.84 -3.61
CA ALA C 51 2.69 1.76 -4.87
C ALA C 51 4.06 2.44 -4.82
N LYS C 52 4.19 3.42 -3.94
CA LYS C 52 5.43 4.22 -3.88
C LYS C 52 6.55 3.51 -3.12
N THR C 53 6.20 2.57 -2.25
CA THR C 53 7.18 1.97 -1.35
C THR C 53 7.17 0.45 -1.29
N ASP C 54 6.02 -0.16 -1.56
CA ASP C 54 5.86 -1.61 -1.34
C ASP C 54 6.45 -2.49 -2.45
N ALA C 55 6.67 -3.76 -2.12
CA ALA C 55 7.43 -4.67 -2.98
C ALA C 55 6.56 -5.42 -4.00
N LEU C 56 7.03 -5.45 -5.25
CA LEU C 56 6.42 -6.28 -6.28
C LEU C 56 6.87 -7.72 -6.10
N LEU C 57 5.91 -8.65 -6.06
CA LEU C 57 6.23 -10.05 -5.83
C LEU C 57 6.00 -10.90 -7.08
N GLU C 58 5.05 -10.49 -7.90
CA GLU C 58 4.61 -11.32 -9.00
C GLU C 58 3.86 -10.48 -10.04
N ILE C 59 4.06 -10.80 -11.31
CA ILE C 59 3.38 -10.08 -12.38
C ILE C 59 3.12 -11.02 -13.56
N ALA C 60 1.95 -10.87 -14.18
CA ALA C 60 1.61 -11.60 -15.40
C ALA C 60 0.99 -10.67 -16.42
N ALA C 61 1.31 -10.87 -17.69
CA ALA C 61 0.75 -10.06 -18.77
C ALA C 61 0.22 -10.95 -19.89
N ILE C 62 -0.92 -10.56 -20.45
CA ILE C 62 -1.49 -11.29 -21.58
C ILE C 62 -1.91 -10.33 -22.69
N THR C 63 -1.20 -10.39 -23.82
CA THR C 63 -1.58 -9.61 -24.99
C THR C 63 -2.71 -10.32 -25.71
N LEU C 64 -3.38 -9.58 -26.59
CA LEU C 64 -4.53 -10.11 -27.31
C LEU C 64 -4.35 -10.00 -28.81
N LYS C 65 -5.12 -10.79 -29.55
CA LYS C 65 -5.13 -10.68 -31.01
C LYS C 65 -6.56 -10.83 -31.53
N MET C 66 -6.79 -10.37 -32.76
CA MET C 66 -8.04 -10.61 -33.45
C MET C 66 -7.81 -11.56 -34.62
N ASP C 67 -8.63 -12.60 -34.71
CA ASP C 67 -8.54 -13.53 -35.83
C ASP C 67 -9.07 -12.89 -37.10
N GLU C 68 -9.08 -13.66 -38.18
CA GLU C 68 -9.51 -13.16 -39.48
C GLU C 68 -10.98 -12.76 -39.49
N GLN C 69 -11.76 -13.35 -38.58
CA GLN C 69 -13.19 -13.08 -38.52
C GLN C 69 -13.52 -11.87 -37.65
N GLY C 70 -12.53 -11.40 -36.89
CA GLY C 70 -12.72 -10.25 -36.03
C GLY C 70 -13.03 -10.62 -34.59
N TRP C 71 -12.80 -11.87 -34.23
CA TRP C 71 -12.99 -12.31 -32.84
C TRP C 71 -11.71 -12.05 -32.04
N LEU C 72 -11.88 -11.64 -30.80
CA LEU C 72 -10.75 -11.28 -29.95
C LEU C 72 -10.33 -12.46 -29.08
N MET C 73 -9.04 -12.67 -28.93
CA MET C 73 -8.54 -13.79 -28.14
C MET C 73 -7.15 -13.54 -27.58
N PRO C 74 -6.76 -14.30 -26.54
CA PRO C 74 -5.41 -14.23 -25.97
C PRO C 74 -4.33 -14.55 -26.99
N ASP C 75 -3.21 -13.81 -26.92
CA ASP C 75 -2.08 -14.02 -27.81
C ASP C 75 -0.87 -14.57 -27.04
N THR C 76 -0.05 -13.67 -26.50
CA THR C 76 1.12 -14.08 -25.70
C THR C 76 0.86 -13.98 -24.20
N THR C 77 1.35 -14.96 -23.45
CA THR C 77 1.25 -14.93 -21.99
C THR C 77 2.63 -14.89 -21.34
N LEU C 78 2.87 -13.87 -20.51
CA LEU C 78 4.09 -13.80 -19.73
C LEU C 78 3.76 -13.86 -18.24
N HIS C 79 4.71 -14.34 -17.46
CA HIS C 79 4.51 -14.52 -16.02
C HIS C 79 5.86 -14.58 -15.32
N PHE C 80 6.03 -13.74 -14.31
CA PHE C 80 7.29 -13.69 -13.58
C PHE C 80 7.10 -13.63 -12.07
N HIS C 81 7.96 -14.34 -11.35
CA HIS C 81 8.12 -14.13 -9.93
C HIS C 81 9.25 -13.15 -9.75
N VAL C 82 9.07 -12.18 -8.86
CA VAL C 82 10.02 -11.09 -8.73
C VAL C 82 10.77 -11.10 -7.39
N GLU C 83 12.07 -10.87 -7.46
CA GLU C 83 12.87 -10.61 -6.27
C GLU C 83 12.87 -9.10 -6.05
N PRO C 84 12.17 -8.64 -4.99
CA PRO C 84 11.90 -7.22 -4.76
C PRO C 84 13.13 -6.31 -4.73
N PHE C 85 14.21 -6.77 -4.12
CA PHE C 85 15.32 -5.87 -3.82
C PHE C 85 16.66 -6.21 -4.50
N VAL C 86 16.64 -7.11 -5.48
CA VAL C 86 17.88 -7.43 -6.18
C VAL C 86 18.19 -6.38 -7.25
N GLY C 87 19.48 -6.14 -7.47
CA GLY C 87 19.92 -5.18 -8.46
C GLY C 87 20.09 -5.79 -9.83
N GLY C 108 13.05 -19.37 -10.03
CA GLY C 108 13.11 -18.74 -11.34
C GLY C 108 12.83 -17.25 -11.28
N ALA C 109 12.83 -16.70 -10.07
CA ALA C 109 12.56 -15.27 -9.87
C ALA C 109 13.55 -14.39 -10.62
N VAL C 110 13.08 -13.24 -11.09
CA VAL C 110 13.95 -12.25 -11.72
C VAL C 110 13.72 -10.88 -11.09
N SER C 111 14.59 -9.94 -11.40
CA SER C 111 14.45 -8.58 -10.89
C SER C 111 13.20 -7.91 -11.45
N GLY C 112 12.69 -6.92 -10.73
CA GLY C 112 11.56 -6.15 -11.21
C GLY C 112 11.87 -5.57 -12.58
N TYR C 113 13.08 -5.05 -12.74
CA TYR C 113 13.50 -4.46 -14.01
C TYR C 113 13.32 -5.44 -15.16
N GLU C 114 13.85 -6.66 -14.99
CA GLU C 114 13.80 -7.64 -16.06
C GLU C 114 12.37 -8.07 -16.36
N ALA C 115 11.60 -8.34 -15.32
CA ALA C 115 10.21 -8.73 -15.49
C ALA C 115 9.47 -7.69 -16.32
N LEU C 116 9.55 -6.43 -15.89
CA LEU C 116 8.86 -5.34 -16.57
C LEU C 116 9.41 -5.09 -17.97
N HIS C 117 10.73 -5.15 -18.14
CA HIS C 117 11.30 -4.89 -19.45
C HIS C 117 10.91 -5.94 -20.50
N GLU C 118 10.90 -7.21 -20.10
CA GLU C 118 10.48 -8.28 -21.01
C GLU C 118 9.02 -8.11 -21.43
N ILE C 119 8.18 -7.73 -20.47
CA ILE C 119 6.78 -7.46 -20.75
C ILE C 119 6.65 -6.30 -21.74
N PHE C 120 7.39 -5.23 -21.49
CA PHE C 120 7.40 -4.05 -22.34
C PHE C 120 7.93 -4.36 -23.74
N LYS C 121 8.91 -5.24 -23.82
CA LYS C 121 9.49 -5.63 -25.10
C LYS C 121 8.45 -6.34 -25.96
N VAL C 122 7.78 -7.32 -25.37
CA VAL C 122 6.73 -8.05 -26.06
C VAL C 122 5.58 -7.12 -26.45
N VAL C 123 5.23 -6.21 -25.55
CA VAL C 123 4.16 -5.26 -25.83
C VAL C 123 4.51 -4.31 -26.99
N ARG C 124 5.73 -3.77 -26.97
CA ARG C 124 6.21 -2.90 -28.05
C ARG C 124 6.14 -3.60 -29.40
N LYS C 125 6.43 -4.89 -29.40
CA LYS C 125 6.40 -5.70 -30.61
C LYS C 125 4.97 -5.83 -31.14
N GLY C 126 4.04 -6.10 -30.22
CA GLY C 126 2.64 -6.18 -30.58
C GLY C 126 2.13 -4.86 -31.12
N ILE C 127 2.49 -3.78 -30.44
CA ILE C 127 2.12 -2.45 -30.88
C ILE C 127 2.60 -2.18 -32.30
N LYS C 128 3.90 -2.32 -32.51
CA LYS C 128 4.51 -2.08 -33.82
C LYS C 128 3.83 -2.90 -34.91
N ALA C 129 3.68 -4.19 -34.65
CA ALA C 129 3.14 -5.11 -35.65
C ALA C 129 1.70 -4.76 -36.04
N SER C 130 0.89 -4.39 -35.06
CA SER C 130 -0.53 -4.15 -35.30
C SER C 130 -0.83 -2.74 -35.78
N GLY C 131 0.15 -1.85 -35.66
CA GLY C 131 -0.02 -0.48 -36.11
C GLY C 131 -0.74 0.39 -35.09
N CYS C 132 -0.68 -0.01 -33.83
CA CYS C 132 -1.24 0.79 -32.74
C CYS C 132 -0.21 1.86 -32.38
N ASN C 133 -0.55 2.74 -31.45
CA ASN C 133 0.42 3.74 -31.03
C ASN C 133 0.65 3.81 -29.53
N ARG C 134 -0.10 3.02 -28.77
CA ARG C 134 0.09 2.95 -27.33
C ARG C 134 -0.65 1.74 -26.76
N ALA C 135 -0.16 1.20 -25.66
CA ALA C 135 -0.81 0.08 -25.00
C ALA C 135 -1.75 0.59 -23.90
N ILE C 136 -2.80 -0.18 -23.62
CA ILE C 136 -3.70 0.15 -22.53
C ILE C 136 -3.89 -1.08 -21.64
N MET C 137 -3.78 -0.88 -20.34
CA MET C 137 -3.89 -1.98 -19.39
C MET C 137 -5.34 -2.43 -19.18
N VAL C 138 -5.55 -3.74 -19.28
CA VAL C 138 -6.84 -4.34 -18.96
C VAL C 138 -6.69 -5.08 -17.63
N ALA C 139 -7.63 -4.85 -16.72
CA ALA C 139 -7.56 -5.46 -15.40
C ALA C 139 -8.84 -5.24 -14.63
N HIS C 140 -9.09 -6.05 -13.61
CA HIS C 140 -10.27 -5.92 -12.79
C HIS C 140 -9.99 -4.91 -11.69
N ASN C 141 -10.89 -3.93 -11.53
CA ASN C 141 -10.59 -2.76 -10.70
C ASN C 141 -9.24 -2.20 -11.15
N ALA C 142 -9.12 -1.98 -12.45
CA ALA C 142 -7.84 -1.76 -13.11
C ALA C 142 -6.93 -0.68 -12.50
N ASN C 143 -7.53 0.41 -12.04
CA ASN C 143 -6.80 1.56 -11.51
C ASN C 143 -5.62 1.20 -10.59
N PHE C 144 -5.85 0.30 -9.66
CA PHE C 144 -4.85 0.02 -8.62
C PHE C 144 -3.65 -0.78 -9.11
N ASP C 145 -3.90 -1.84 -9.88
CA ASP C 145 -2.80 -2.59 -10.51
C ASP C 145 -2.01 -1.67 -11.44
N HIS C 146 -2.72 -0.80 -12.15
CA HIS C 146 -2.09 0.13 -13.10
C HIS C 146 -1.17 1.12 -12.40
N SER C 147 -1.64 1.73 -11.31
CA SER C 147 -0.82 2.71 -10.60
C SER C 147 0.39 2.01 -9.99
N PHE C 148 0.22 0.76 -9.57
CA PHE C 148 1.34 0.03 -9.00
C PHE C 148 2.39 -0.31 -10.06
N MET C 149 1.93 -0.74 -11.24
CA MET C 149 2.84 -1.09 -12.32
C MET C 149 3.61 0.13 -12.84
N MET C 150 2.89 1.24 -13.04
CA MET C 150 3.51 2.46 -13.51
C MET C 150 4.54 2.96 -12.50
N ALA C 151 4.22 2.84 -11.22
CA ALA C 151 5.15 3.26 -10.17
C ALA C 151 6.36 2.35 -10.11
N ALA C 152 6.15 1.07 -10.36
CA ALA C 152 7.26 0.11 -10.38
C ALA C 152 8.20 0.37 -11.56
N ALA C 153 7.63 0.72 -12.71
CA ALA C 153 8.43 1.02 -13.89
C ALA C 153 9.30 2.25 -13.64
N GLU C 154 8.72 3.25 -12.99
CA GLU C 154 9.44 4.47 -12.65
C GLU C 154 10.54 4.18 -11.63
N ARG C 155 10.20 3.38 -10.62
CA ARG C 155 11.14 3.01 -9.58
C ARG C 155 12.38 2.31 -10.13
N ALA C 156 12.19 1.47 -11.13
CA ALA C 156 13.30 0.72 -11.72
C ALA C 156 13.89 1.43 -12.93
N SER C 157 13.50 2.68 -13.12
CA SER C 157 14.03 3.52 -14.20
C SER C 157 13.84 2.93 -15.59
N LEU C 158 12.74 2.21 -15.78
CA LEU C 158 12.43 1.64 -17.09
C LEU C 158 12.13 2.73 -18.12
N LYS C 159 12.76 2.62 -19.28
CA LYS C 159 12.57 3.61 -20.32
C LYS C 159 11.49 3.16 -21.30
N ARG C 160 10.93 4.13 -22.01
CA ARG C 160 9.90 3.90 -23.03
C ARG C 160 8.78 2.95 -22.61
N ASN C 161 8.21 3.21 -21.45
CA ASN C 161 7.01 2.52 -21.00
C ASN C 161 5.90 2.71 -22.04
N PRO C 162 5.46 1.61 -22.64
CA PRO C 162 4.47 1.67 -23.72
C PRO C 162 3.03 1.92 -23.24
N PHE C 163 2.81 1.85 -21.93
CA PHE C 163 1.45 1.99 -21.41
C PHE C 163 0.97 3.43 -21.25
N HIS C 164 -0.30 3.66 -21.54
CA HIS C 164 -0.92 4.96 -21.32
C HIS C 164 -0.88 5.25 -19.83
N PRO C 165 -0.50 6.49 -19.47
CA PRO C 165 -0.31 6.86 -18.05
C PRO C 165 -1.59 7.06 -17.23
N PHE C 166 -2.76 7.13 -17.84
CA PHE C 166 -3.98 7.25 -17.03
C PHE C 166 -5.20 6.43 -17.49
N ALA C 167 -5.23 6.07 -18.77
CA ALA C 167 -6.37 5.31 -19.30
C ALA C 167 -6.25 3.81 -19.06
N THR C 168 -7.36 3.17 -18.67
CA THR C 168 -7.41 1.72 -18.52
C THR C 168 -8.76 1.14 -18.97
N PHE C 169 -8.80 -0.18 -19.16
CA PHE C 169 -10.06 -0.89 -19.37
C PHE C 169 -10.39 -1.75 -18.15
N ASP C 170 -11.24 -1.22 -17.26
CA ASP C 170 -11.65 -1.94 -16.06
C ASP C 170 -12.73 -2.97 -16.34
N THR C 171 -12.42 -4.24 -16.16
CA THR C 171 -13.38 -5.30 -16.46
C THR C 171 -14.53 -5.38 -15.46
N ALA C 172 -14.35 -4.78 -14.28
CA ALA C 172 -15.44 -4.69 -13.30
C ALA C 172 -16.57 -3.82 -13.86
N ALA C 173 -16.20 -2.68 -14.44
CA ALA C 173 -17.16 -1.81 -15.10
C ALA C 173 -17.74 -2.47 -16.35
N LEU C 174 -16.87 -3.08 -17.15
CA LEU C 174 -17.32 -3.76 -18.37
C LEU C 174 -18.28 -4.90 -18.06
N ALA C 175 -17.97 -5.65 -17.01
CA ALA C 175 -18.81 -6.77 -16.57
C ALA C 175 -20.14 -6.29 -16.02
N GLY C 176 -20.13 -5.14 -15.35
CA GLY C 176 -21.36 -4.55 -14.85
C GLY C 176 -22.31 -4.26 -16.00
N LEU C 177 -21.77 -3.71 -17.08
CA LEU C 177 -22.58 -3.43 -18.26
C LEU C 177 -23.07 -4.70 -18.94
N ALA C 178 -22.14 -5.61 -19.21
CA ALA C 178 -22.44 -6.80 -20.00
C ALA C 178 -23.21 -7.88 -19.24
N LEU C 179 -22.86 -8.09 -17.98
CA LEU C 179 -23.33 -9.25 -17.24
C LEU C 179 -24.05 -8.90 -15.94
N GLY C 180 -24.04 -7.62 -15.57
CA GLY C 180 -24.67 -7.18 -14.35
C GLY C 180 -23.91 -7.60 -13.11
N GLN C 181 -22.63 -7.94 -13.28
CA GLN C 181 -21.79 -8.36 -12.17
C GLN C 181 -20.53 -7.50 -12.09
N THR C 182 -20.06 -7.23 -10.87
CA THR C 182 -18.87 -6.40 -10.69
C THR C 182 -17.73 -7.16 -10.03
N VAL C 183 -18.02 -8.36 -9.53
CA VAL C 183 -17.01 -9.21 -8.92
C VAL C 183 -16.47 -10.20 -9.95
N LEU C 184 -15.15 -10.36 -9.99
CA LEU C 184 -14.51 -11.17 -11.02
C LEU C 184 -15.11 -12.58 -11.12
N SER C 185 -15.12 -13.30 -10.00
CA SER C 185 -15.61 -14.68 -9.98
C SER C 185 -17.06 -14.77 -10.43
N LYS C 186 -17.91 -13.91 -9.88
CA LYS C 186 -19.32 -13.89 -10.24
C LYS C 186 -19.47 -13.60 -11.72
N ALA C 187 -18.74 -12.61 -12.20
CA ALA C 187 -18.80 -12.20 -13.61
C ALA C 187 -18.42 -13.34 -14.55
N CYS C 188 -17.33 -14.02 -14.25
CA CYS C 188 -16.88 -15.16 -15.06
C CYS C 188 -17.94 -16.25 -15.09
N GLN C 189 -18.43 -16.64 -13.91
CA GLN C 189 -19.47 -17.66 -13.82
C GLN C 189 -20.71 -17.25 -14.61
N THR C 190 -21.16 -16.01 -14.41
CA THR C 190 -22.29 -15.49 -15.16
C THR C 190 -22.03 -15.55 -16.67
N ALA C 191 -20.76 -15.35 -17.05
CA ALA C 191 -20.39 -15.40 -18.47
C ALA C 191 -20.37 -16.82 -19.01
N GLY C 192 -20.28 -17.80 -18.10
CA GLY C 192 -20.26 -19.20 -18.50
C GLY C 192 -18.87 -19.80 -18.51
N MET C 193 -17.95 -19.17 -17.79
CA MET C 193 -16.61 -19.71 -17.66
C MET C 193 -16.38 -20.30 -16.27
N ASP C 194 -15.36 -21.15 -16.16
CA ASP C 194 -15.02 -21.74 -14.88
C ASP C 194 -14.25 -20.74 -14.02
N PHE C 195 -14.44 -20.83 -12.71
CA PHE C 195 -13.66 -20.02 -11.78
C PHE C 195 -13.44 -20.74 -10.46
N ASP C 196 -12.18 -20.91 -10.10
CA ASP C 196 -11.79 -21.65 -8.90
C ASP C 196 -11.17 -20.70 -7.88
N SER C 197 -11.92 -20.39 -6.83
CA SER C 197 -11.47 -19.44 -5.80
C SER C 197 -10.12 -19.80 -5.17
N THR C 198 -9.75 -21.08 -5.22
CA THR C 198 -8.51 -21.53 -4.60
C THR C 198 -7.28 -21.14 -5.44
N GLN C 199 -7.48 -21.02 -6.75
CA GLN C 199 -6.38 -20.61 -7.64
C GLN C 199 -6.29 -19.09 -7.76
N ALA C 200 -7.34 -18.41 -7.29
CA ALA C 200 -7.41 -16.95 -7.39
C ALA C 200 -6.39 -16.24 -6.50
N HIS C 201 -6.33 -14.92 -6.62
CA HIS C 201 -5.35 -14.12 -5.88
C HIS C 201 -3.91 -14.53 -6.22
N SER C 202 -3.75 -15.16 -7.37
CA SER C 202 -2.44 -15.48 -7.92
C SER C 202 -2.34 -14.86 -9.31
N ALA C 203 -1.29 -14.08 -9.53
CA ALA C 203 -1.12 -13.32 -10.77
C ALA C 203 -1.62 -14.06 -12.02
N LEU C 204 -0.99 -15.20 -12.34
CA LEU C 204 -1.26 -15.91 -13.58
C LEU C 204 -2.73 -16.28 -13.75
N TYR C 205 -3.28 -17.00 -12.78
CA TYR C 205 -4.66 -17.45 -12.86
C TYR C 205 -5.64 -16.29 -13.03
N ASP C 206 -5.55 -15.29 -12.17
CA ASP C 206 -6.44 -14.14 -12.24
C ASP C 206 -6.30 -13.42 -13.59
N THR C 207 -5.07 -13.32 -14.08
CA THR C 207 -4.83 -12.68 -15.36
C THR C 207 -5.52 -13.44 -16.50
N GLU C 208 -5.34 -14.76 -16.51
CA GLU C 208 -5.93 -15.62 -17.53
C GLU C 208 -7.46 -15.52 -17.54
N ARG C 209 -8.06 -15.57 -16.35
CA ARG C 209 -9.52 -15.50 -16.23
C ARG C 209 -10.01 -14.13 -16.70
N THR C 210 -9.28 -13.09 -16.29
CA THR C 210 -9.61 -11.72 -16.68
C THR C 210 -9.53 -11.53 -18.21
N ALA C 211 -8.51 -12.11 -18.83
CA ALA C 211 -8.37 -12.04 -20.28
C ALA C 211 -9.54 -12.69 -21.01
N VAL C 212 -9.90 -13.91 -20.59
CA VAL C 212 -11.01 -14.62 -21.22
C VAL C 212 -12.32 -13.87 -21.04
N LEU C 213 -12.51 -13.28 -19.86
CA LEU C 213 -13.70 -12.48 -19.59
C LEU C 213 -13.79 -11.28 -20.53
N PHE C 214 -12.72 -10.50 -20.61
CA PHE C 214 -12.66 -9.33 -21.48
C PHE C 214 -12.94 -9.72 -22.93
N CYS C 215 -12.30 -10.79 -23.39
CA CYS C 215 -12.53 -11.27 -24.75
C CYS C 215 -13.98 -11.69 -24.96
N GLU C 216 -14.55 -12.40 -23.99
CA GLU C 216 -15.94 -12.81 -24.07
C GLU C 216 -16.89 -11.61 -24.16
N ILE C 217 -16.61 -10.57 -23.37
CA ILE C 217 -17.45 -9.38 -23.36
C ILE C 217 -17.41 -8.66 -24.70
N VAL C 218 -16.20 -8.45 -25.22
CA VAL C 218 -16.05 -7.82 -26.52
C VAL C 218 -16.70 -8.68 -27.62
N ASN C 219 -16.45 -9.98 -27.59
CA ASN C 219 -17.01 -10.86 -28.60
C ASN C 219 -18.54 -10.91 -28.56
N ARG C 220 -19.10 -10.78 -27.36
CA ARG C 220 -20.55 -10.79 -27.18
C ARG C 220 -21.18 -9.56 -27.81
N TRP C 221 -20.52 -8.42 -27.65
CA TRP C 221 -20.99 -7.17 -28.22
C TRP C 221 -21.02 -7.27 -29.74
N LYS C 222 -20.01 -7.93 -30.31
CA LYS C 222 -19.97 -8.18 -31.75
C LYS C 222 -21.08 -9.14 -32.17
N ARG C 223 -21.20 -10.26 -31.45
CA ARG C 223 -22.21 -11.27 -31.72
C ARG C 223 -23.61 -10.65 -31.81
N LEU C 224 -23.89 -9.70 -30.92
CA LEU C 224 -25.19 -9.05 -30.89
C LEU C 224 -25.32 -7.92 -31.91
N GLY C 225 -24.27 -7.73 -32.70
CA GLY C 225 -24.31 -6.75 -33.76
C GLY C 225 -24.07 -5.32 -33.33
N GLY C 226 -23.44 -5.13 -32.16
CA GLY C 226 -23.13 -3.80 -31.69
C GLY C 226 -21.88 -3.27 -32.35
N TRP C 227 -21.04 -4.20 -32.80
CA TRP C 227 -19.84 -3.88 -33.54
C TRP C 227 -19.75 -4.78 -34.76
N PRO C 228 -19.29 -4.24 -35.89
CA PRO C 228 -18.88 -2.84 -36.00
C PRO C 228 -20.09 -1.88 -36.00
N LEU C 229 -19.81 -0.58 -35.96
CA LEU C 229 -20.86 0.41 -35.95
C LEU C 229 -21.49 0.54 -37.33
N SER C 230 -22.81 0.73 -37.39
CA SER C 230 -23.64 0.80 -36.19
C SER C 230 -25.06 0.37 -36.55
N THR D 28 -36.70 -4.49 -16.57
CA THR D 28 -36.22 -4.81 -15.23
C THR D 28 -36.03 -3.54 -14.40
N GLY D 29 -35.83 -3.71 -13.10
CA GLY D 29 -35.64 -2.57 -12.21
C GLY D 29 -34.21 -2.06 -12.25
N LEU D 30 -34.03 -0.82 -11.83
CA LEU D 30 -32.71 -0.20 -11.76
C LEU D 30 -31.76 -1.02 -10.88
N CYS D 31 -32.26 -1.49 -9.74
CA CYS D 31 -31.43 -2.17 -8.77
C CYS D 31 -31.18 -3.64 -9.09
N ASP D 32 -31.85 -4.14 -10.11
CA ASP D 32 -31.59 -5.50 -10.57
C ASP D 32 -30.60 -5.47 -11.72
N ARG D 33 -30.46 -4.31 -12.35
CA ARG D 33 -29.62 -4.16 -13.53
C ARG D 33 -28.14 -4.29 -13.20
N PHE D 34 -27.75 -3.75 -12.04
CA PHE D 34 -26.35 -3.74 -11.65
C PHE D 34 -26.13 -4.40 -10.28
N ARG D 35 -26.73 -5.57 -10.09
CA ARG D 35 -26.57 -6.35 -8.85
C ARG D 35 -26.65 -5.53 -7.57
N GLY D 36 -27.63 -4.63 -7.49
CA GLY D 36 -27.84 -3.86 -6.28
C GLY D 36 -27.11 -2.52 -6.21
N PHE D 37 -26.25 -2.25 -7.18
CA PHE D 37 -25.55 -0.97 -7.22
C PHE D 37 -26.41 0.14 -7.79
N TYR D 38 -26.38 1.29 -7.13
CA TYR D 38 -27.13 2.48 -7.53
C TYR D 38 -26.15 3.46 -8.18
N PRO D 39 -26.12 3.48 -9.52
CA PRO D 39 -25.13 4.25 -10.28
C PRO D 39 -25.38 5.75 -10.22
N VAL D 40 -24.37 6.50 -9.81
CA VAL D 40 -24.48 7.94 -9.73
C VAL D 40 -23.35 8.60 -10.52
N VAL D 41 -23.71 9.42 -11.50
CA VAL D 41 -22.71 10.10 -12.30
C VAL D 41 -22.13 11.31 -11.56
N ILE D 42 -20.80 11.38 -11.51
CA ILE D 42 -20.11 12.43 -10.78
C ILE D 42 -18.97 13.00 -11.60
N ASP D 43 -18.76 14.31 -11.47
CA ASP D 43 -17.57 14.95 -12.02
C ASP D 43 -17.11 16.05 -11.06
N VAL D 44 -15.79 16.17 -10.90
CA VAL D 44 -15.23 17.22 -10.05
C VAL D 44 -14.24 18.09 -10.81
N GLU D 45 -14.10 19.34 -10.39
CA GLU D 45 -12.98 20.17 -10.79
C GLU D 45 -12.11 20.39 -9.55
N THR D 46 -10.80 20.48 -9.74
CA THR D 46 -9.87 20.55 -8.61
C THR D 46 -8.74 21.54 -8.86
N ALA D 47 -7.95 21.78 -7.83
CA ALA D 47 -6.79 22.68 -7.95
C ALA D 47 -5.50 21.89 -7.89
N GLY D 48 -5.51 20.69 -8.48
CA GLY D 48 -4.33 19.84 -8.49
C GLY D 48 -4.67 18.38 -8.67
N PHE D 49 -3.63 17.55 -8.76
CA PHE D 49 -3.81 16.12 -9.02
C PHE D 49 -3.61 15.25 -7.77
N ASN D 50 -3.36 15.87 -6.64
CA ASN D 50 -3.15 15.13 -5.39
C ASN D 50 -4.40 15.19 -4.52
N ALA D 51 -5.13 14.08 -4.47
CA ALA D 51 -6.43 14.03 -3.80
C ALA D 51 -6.37 14.33 -2.31
N LYS D 52 -5.24 14.01 -1.68
CA LYS D 52 -5.12 14.19 -0.23
C LYS D 52 -4.83 15.65 0.14
N THR D 53 -4.14 16.36 -0.73
CA THR D 53 -3.65 17.69 -0.38
C THR D 53 -4.23 18.84 -1.19
N ASP D 54 -4.74 18.55 -2.39
CA ASP D 54 -5.23 19.60 -3.27
C ASP D 54 -6.73 19.86 -3.13
N ALA D 55 -7.12 21.11 -3.38
CA ALA D 55 -8.49 21.56 -3.17
C ALA D 55 -9.50 20.96 -4.14
N LEU D 56 -10.67 20.62 -3.62
CA LEU D 56 -11.85 20.38 -4.45
C LEU D 56 -12.49 21.74 -4.73
N LEU D 57 -12.75 22.03 -6.00
CA LEU D 57 -13.27 23.33 -6.39
C LEU D 57 -14.71 23.30 -6.90
N GLU D 58 -15.14 22.16 -7.43
CA GLU D 58 -16.46 22.05 -8.03
C GLU D 58 -16.87 20.59 -8.11
N ILE D 59 -18.17 20.34 -8.01
CA ILE D 59 -18.69 18.98 -8.10
C ILE D 59 -20.14 18.97 -8.59
N ALA D 60 -20.44 18.04 -9.50
CA ALA D 60 -21.82 17.81 -9.93
C ALA D 60 -22.15 16.33 -9.79
N ALA D 61 -23.45 16.03 -9.60
CA ALA D 61 -23.91 14.65 -9.44
C ALA D 61 -25.24 14.43 -10.14
N ILE D 62 -25.37 13.30 -10.82
CA ILE D 62 -26.62 12.95 -11.48
C ILE D 62 -27.03 11.51 -11.17
N THR D 63 -28.14 11.35 -10.45
CA THR D 63 -28.69 10.03 -10.21
C THR D 63 -29.49 9.57 -11.42
N LEU D 64 -29.77 8.27 -11.49
CA LEU D 64 -30.43 7.70 -12.65
C LEU D 64 -31.66 6.87 -12.26
N LYS D 65 -32.54 6.63 -13.22
CA LYS D 65 -33.71 5.78 -13.01
C LYS D 65 -34.15 5.12 -14.32
N MET D 66 -35.03 4.14 -14.20
CA MET D 66 -35.63 3.48 -15.36
C MET D 66 -37.01 4.06 -15.62
N ASP D 67 -37.32 4.36 -16.88
CA ASP D 67 -38.70 4.74 -17.21
C ASP D 67 -39.57 3.49 -17.31
N GLU D 68 -40.83 3.68 -17.70
CA GLU D 68 -41.78 2.57 -17.80
C GLU D 68 -41.36 1.52 -18.83
N GLN D 69 -40.63 1.94 -19.85
CA GLN D 69 -40.20 1.06 -20.93
C GLN D 69 -38.88 0.34 -20.62
N GLY D 70 -38.32 0.60 -19.45
CA GLY D 70 -37.06 -0.02 -19.07
C GLY D 70 -35.82 0.67 -19.63
N TRP D 71 -35.98 1.92 -20.09
CA TRP D 71 -34.83 2.70 -20.54
C TRP D 71 -34.23 3.47 -19.37
N LEU D 72 -32.89 3.50 -19.30
CA LEU D 72 -32.20 4.24 -18.25
C LEU D 72 -32.12 5.73 -18.61
N MET D 73 -32.30 6.60 -17.61
CA MET D 73 -32.31 8.04 -17.85
C MET D 73 -31.92 8.83 -16.60
N PRO D 74 -31.51 10.10 -16.78
CA PRO D 74 -31.19 10.95 -15.63
C PRO D 74 -32.41 11.13 -14.71
N ASP D 75 -32.14 11.31 -13.42
CA ASP D 75 -33.20 11.54 -12.44
C ASP D 75 -32.99 12.89 -11.76
N THR D 76 -32.17 12.92 -10.72
CA THR D 76 -31.86 14.18 -10.02
C THR D 76 -30.48 14.74 -10.40
N THR D 77 -30.42 16.05 -10.64
CA THR D 77 -29.15 16.72 -10.93
C THR D 77 -28.78 17.69 -9.80
N LEU D 78 -27.52 17.65 -9.38
CA LEU D 78 -27.01 18.55 -8.35
C LEU D 78 -25.70 19.18 -8.81
N HIS D 79 -25.46 20.41 -8.39
CA HIS D 79 -24.24 21.11 -8.80
C HIS D 79 -23.82 22.13 -7.75
N PHE D 80 -22.56 22.04 -7.30
CA PHE D 80 -22.04 22.95 -6.29
C PHE D 80 -20.67 23.49 -6.68
N HIS D 81 -20.45 24.76 -6.40
CA HIS D 81 -19.12 25.33 -6.42
C HIS D 81 -18.57 25.21 -5.00
N VAL D 82 -17.36 24.70 -4.88
CA VAL D 82 -16.81 24.36 -3.57
C VAL D 82 -15.62 25.24 -3.20
N GLU D 83 -15.65 25.79 -1.99
CA GLU D 83 -14.54 26.59 -1.47
C GLU D 83 -13.39 25.68 -1.08
N PRO D 84 -12.15 26.09 -1.38
CA PRO D 84 -10.97 25.32 -1.01
C PRO D 84 -10.98 25.04 0.48
N PHE D 85 -10.78 23.78 0.89
CA PHE D 85 -10.77 23.45 2.31
C PHE D 85 -9.60 24.14 3.01
N VAL D 86 -9.73 24.36 4.31
CA VAL D 86 -8.70 25.07 5.06
C VAL D 86 -7.35 24.37 4.94
N GLY D 87 -6.34 25.11 4.50
CA GLY D 87 -4.99 24.58 4.39
C GLY D 87 -4.75 23.77 3.13
N ALA D 88 -5.71 23.81 2.20
CA ALA D 88 -5.57 23.11 0.93
C ALA D 88 -4.49 23.72 0.06
N ASN D 89 -3.81 22.89 -0.73
CA ASN D 89 -2.89 23.40 -1.74
C ASN D 89 -3.64 23.82 -2.99
N LEU D 90 -3.09 24.78 -3.72
CA LEU D 90 -3.69 25.29 -4.94
C LEU D 90 -2.66 25.33 -6.06
N GLN D 91 -2.61 24.27 -6.87
CA GLN D 91 -1.67 24.18 -7.98
C GLN D 91 -2.05 25.15 -9.11
N PRO D 92 -1.16 26.08 -9.44
CA PRO D 92 -1.39 27.08 -10.48
C PRO D 92 -1.69 26.45 -11.84
N GLU D 93 -1.00 25.36 -12.17
CA GLU D 93 -1.21 24.67 -13.44
C GLU D 93 -2.64 24.15 -13.58
N ALA D 94 -3.20 23.61 -12.50
CA ALA D 94 -4.58 23.11 -12.53
C ALA D 94 -5.57 24.23 -12.79
N LEU D 95 -5.35 25.37 -12.14
CA LEU D 95 -6.20 26.55 -12.33
C LEU D 95 -6.09 27.09 -13.75
N ALA D 96 -4.91 26.94 -14.34
CA ALA D 96 -4.70 27.36 -15.73
C ALA D 96 -5.62 26.58 -16.66
N PHE D 97 -5.78 25.29 -16.40
CA PHE D 97 -6.59 24.43 -17.27
C PHE D 97 -8.09 24.57 -17.05
N ASN D 98 -8.52 24.73 -15.80
CA ASN D 98 -9.97 24.81 -15.53
C ASN D 98 -10.52 26.23 -15.45
N GLY D 99 -9.63 27.22 -15.34
CA GLY D 99 -10.03 28.61 -15.37
C GLY D 99 -10.82 29.08 -14.17
N ILE D 100 -10.83 28.30 -13.10
CA ILE D 100 -11.57 28.65 -11.89
C ILE D 100 -10.78 29.64 -11.01
N ASP D 101 -11.48 30.65 -10.49
CA ASP D 101 -10.92 31.58 -9.53
C ASP D 101 -11.38 31.20 -8.12
N PRO D 102 -10.53 30.49 -7.38
CA PRO D 102 -10.85 29.87 -6.09
C PRO D 102 -11.42 30.83 -5.05
N ASN D 103 -11.00 32.09 -5.08
CA ASN D 103 -11.44 33.06 -4.09
C ASN D 103 -12.18 34.27 -4.67
N ASP D 104 -13.04 34.01 -5.66
CA ASP D 104 -13.91 35.02 -6.22
C ASP D 104 -15.29 34.93 -5.56
N PRO D 105 -15.61 35.88 -4.67
CA PRO D 105 -16.84 35.88 -3.88
C PRO D 105 -18.10 35.64 -4.73
N ASP D 106 -18.09 36.12 -5.98
CA ASP D 106 -19.24 35.93 -6.86
C ASP D 106 -19.43 34.47 -7.29
N ARG D 107 -18.54 33.59 -6.84
CA ARG D 107 -18.62 32.17 -7.20
C ARG D 107 -19.87 31.49 -6.66
N GLY D 108 -20.27 31.85 -5.45
CA GLY D 108 -21.34 31.16 -4.76
C GLY D 108 -20.85 29.82 -4.23
N ALA D 109 -19.57 29.77 -3.89
CA ALA D 109 -18.96 28.55 -3.36
C ALA D 109 -19.46 28.23 -1.95
N VAL D 110 -19.63 26.94 -1.68
CA VAL D 110 -20.04 26.46 -0.36
C VAL D 110 -19.00 25.47 0.15
N SER D 111 -19.11 25.06 1.41
CA SER D 111 -18.15 24.12 1.98
C SER D 111 -18.32 22.73 1.37
N GLY D 112 -17.23 21.96 1.35
CA GLY D 112 -17.29 20.59 0.87
C GLY D 112 -18.36 19.79 1.60
N TYR D 113 -18.46 20.01 2.90
CA TYR D 113 -19.44 19.31 3.72
C TYR D 113 -20.84 19.52 3.17
N GLU D 114 -21.21 20.78 2.95
CA GLU D 114 -22.55 21.10 2.48
C GLU D 114 -22.85 20.44 1.14
N ALA D 115 -21.93 20.56 0.19
CA ALA D 115 -22.09 19.96 -1.14
C ALA D 115 -22.26 18.45 -1.06
N LEU D 116 -21.33 17.78 -0.37
CA LEU D 116 -21.36 16.33 -0.26
C LEU D 116 -22.54 15.81 0.56
N HIS D 117 -22.89 16.54 1.61
CA HIS D 117 -24.02 16.13 2.44
C HIS D 117 -25.31 16.11 1.61
N GLU D 118 -25.52 17.16 0.82
CA GLU D 118 -26.71 17.23 -0.02
C GLU D 118 -26.71 16.12 -1.08
N ILE D 119 -25.57 15.90 -1.72
CA ILE D 119 -25.44 14.80 -2.69
C ILE D 119 -25.74 13.46 -2.02
N PHE D 120 -25.08 13.18 -0.91
CA PHE D 120 -25.26 11.91 -0.20
C PHE D 120 -26.70 11.68 0.24
N LYS D 121 -27.37 12.75 0.67
CA LYS D 121 -28.77 12.63 1.09
C LYS D 121 -29.64 12.17 -0.07
N VAL D 122 -29.46 12.81 -1.23
CA VAL D 122 -30.24 12.46 -2.41
C VAL D 122 -29.93 11.04 -2.88
N VAL D 123 -28.67 10.65 -2.82
CA VAL D 123 -28.27 9.31 -3.21
C VAL D 123 -28.87 8.26 -2.26
N ARG D 124 -28.85 8.54 -0.97
CA ARG D 124 -29.42 7.62 0.01
C ARG D 124 -30.92 7.44 -0.17
N LYS D 125 -31.62 8.55 -0.38
CA LYS D 125 -33.05 8.50 -0.64
C LYS D 125 -33.31 7.63 -1.87
N GLY D 126 -32.53 7.86 -2.92
CA GLY D 126 -32.67 7.10 -4.14
C GLY D 126 -32.45 5.62 -3.91
N ILE D 127 -31.43 5.29 -3.12
CA ILE D 127 -31.12 3.90 -2.83
C ILE D 127 -32.27 3.20 -2.10
N LYS D 128 -32.76 3.82 -1.04
CA LYS D 128 -33.88 3.26 -0.29
C LYS D 128 -35.09 3.04 -1.19
N ALA D 129 -35.41 4.04 -1.99
CA ALA D 129 -36.58 4.02 -2.86
C ALA D 129 -36.50 2.98 -3.97
N SER D 130 -35.29 2.75 -4.46
CA SER D 130 -35.05 1.80 -5.56
C SER D 130 -34.90 0.36 -5.05
N GLY D 131 -34.43 0.23 -3.81
CA GLY D 131 -34.16 -1.07 -3.23
C GLY D 131 -32.74 -1.53 -3.46
N CYS D 132 -31.82 -0.58 -3.64
CA CYS D 132 -30.41 -0.90 -3.87
C CYS D 132 -29.66 -1.09 -2.54
N ASN D 133 -28.43 -1.57 -2.65
CA ASN D 133 -27.59 -1.81 -1.49
C ASN D 133 -26.58 -0.68 -1.29
N ARG D 134 -25.99 -0.23 -2.39
CA ARG D 134 -24.84 0.66 -2.36
C ARG D 134 -24.81 1.52 -3.62
N ALA D 135 -24.16 2.68 -3.53
CA ALA D 135 -23.96 3.51 -4.71
C ALA D 135 -22.63 3.19 -5.35
N ILE D 136 -22.54 3.38 -6.67
CA ILE D 136 -21.27 3.28 -7.37
C ILE D 136 -21.09 4.49 -8.29
N MET D 137 -19.92 5.10 -8.23
CA MET D 137 -19.66 6.28 -9.03
C MET D 137 -19.47 5.96 -10.51
N VAL D 138 -20.17 6.69 -11.36
CA VAL D 138 -19.96 6.64 -12.80
C VAL D 138 -19.26 7.92 -13.22
N ALA D 139 -18.15 7.77 -13.96
CA ALA D 139 -17.41 8.94 -14.43
C ALA D 139 -16.43 8.57 -15.55
N HIS D 140 -15.98 9.58 -16.29
CA HIS D 140 -15.00 9.38 -17.35
C HIS D 140 -13.59 9.46 -16.77
N ASN D 141 -12.81 8.40 -16.94
CA ASN D 141 -11.57 8.24 -16.19
C ASN D 141 -11.88 8.34 -14.70
N ALA D 142 -12.80 7.49 -14.26
CA ALA D 142 -13.47 7.59 -12.96
C ALA D 142 -12.60 7.61 -11.70
N ASN D 143 -11.46 6.93 -11.72
CA ASN D 143 -10.63 6.81 -10.52
C ASN D 143 -10.19 8.17 -9.98
N PHE D 144 -9.93 9.11 -10.87
CA PHE D 144 -9.56 10.46 -10.46
C PHE D 144 -10.67 11.14 -9.66
N ASP D 145 -11.87 11.22 -10.24
CA ASP D 145 -12.99 11.87 -9.57
C ASP D 145 -13.36 11.16 -8.27
N HIS D 146 -13.31 9.82 -8.31
CA HIS D 146 -13.61 9.01 -7.14
C HIS D 146 -12.67 9.39 -5.98
N SER D 147 -11.38 9.43 -6.26
CA SER D 147 -10.41 9.73 -5.22
C SER D 147 -10.69 11.07 -4.55
N PHE D 148 -11.00 12.09 -5.35
CA PHE D 148 -11.28 13.43 -4.82
C PHE D 148 -12.60 13.48 -4.06
N MET D 149 -13.58 12.72 -4.53
CA MET D 149 -14.87 12.68 -3.85
C MET D 149 -14.71 12.01 -2.49
N MET D 150 -13.95 10.92 -2.45
CA MET D 150 -13.71 10.20 -1.22
C MET D 150 -12.91 11.05 -0.23
N ALA D 151 -11.95 11.81 -0.75
CA ALA D 151 -11.13 12.67 0.10
C ALA D 151 -11.96 13.81 0.72
N ALA D 152 -12.88 14.37 -0.04
CA ALA D 152 -13.74 15.42 0.49
C ALA D 152 -14.70 14.86 1.54
N ALA D 153 -15.15 13.63 1.31
CA ALA D 153 -16.08 12.99 2.23
C ALA D 153 -15.47 12.78 3.60
N GLU D 154 -14.21 12.34 3.63
CA GLU D 154 -13.54 12.05 4.88
C GLU D 154 -13.11 13.32 5.63
N ARG D 155 -12.80 14.38 4.89
CA ARG D 155 -12.54 15.67 5.53
C ARG D 155 -13.79 16.14 6.26
N ALA D 156 -14.95 15.80 5.70
CA ALA D 156 -16.23 16.24 6.26
C ALA D 156 -16.74 15.27 7.32
N SER D 157 -16.06 14.15 7.48
CA SER D 157 -16.48 13.12 8.44
C SER D 157 -17.91 12.63 8.18
N LEU D 158 -18.29 12.57 6.91
CA LEU D 158 -19.55 11.97 6.53
C LEU D 158 -19.38 10.47 6.56
N LYS D 159 -19.59 9.86 7.72
CA LYS D 159 -19.37 8.44 7.91
C LYS D 159 -20.34 7.60 7.08
N ARG D 160 -21.55 8.11 6.86
CA ARG D 160 -22.54 7.39 6.07
C ARG D 160 -22.39 7.63 4.56
N ASN D 161 -21.15 7.58 4.10
CA ASN D 161 -20.84 7.62 2.68
C ASN D 161 -21.45 6.42 1.98
N PRO D 162 -22.40 6.66 1.06
CA PRO D 162 -23.15 5.61 0.35
C PRO D 162 -22.36 4.92 -0.75
N PHE D 163 -21.24 5.50 -1.17
CA PHE D 163 -20.48 4.99 -2.32
C PHE D 163 -19.55 3.83 -2.00
N HIS D 164 -19.40 2.92 -2.95
CA HIS D 164 -18.40 1.87 -2.83
C HIS D 164 -17.03 2.52 -2.69
N PRO D 165 -16.21 2.01 -1.77
CA PRO D 165 -14.94 2.66 -1.41
C PRO D 165 -13.83 2.56 -2.46
N PHE D 166 -13.93 1.69 -3.47
CA PHE D 166 -12.89 1.65 -4.49
C PHE D 166 -13.35 1.30 -5.91
N ALA D 167 -14.52 0.70 -6.04
CA ALA D 167 -15.04 0.31 -7.35
C ALA D 167 -15.76 1.48 -8.02
N THR D 168 -15.66 1.54 -9.35
CA THR D 168 -16.36 2.56 -10.14
C THR D 168 -16.78 2.01 -11.49
N PHE D 169 -17.67 2.74 -12.15
CA PHE D 169 -17.98 2.50 -13.56
C PHE D 169 -17.31 3.58 -14.41
N ASP D 170 -16.19 3.24 -15.06
CA ASP D 170 -15.46 4.20 -15.89
C ASP D 170 -16.00 4.25 -17.32
N THR D 171 -16.57 5.39 -17.71
CA THR D 171 -17.15 5.51 -19.05
C THR D 171 -16.13 5.51 -20.19
N ALA D 172 -14.86 5.75 -19.87
CA ALA D 172 -13.82 5.65 -20.90
C ALA D 172 -13.68 4.20 -21.35
N ALA D 173 -13.72 3.28 -20.40
CA ALA D 173 -13.67 1.86 -20.71
C ALA D 173 -14.93 1.41 -21.43
N LEU D 174 -16.09 1.84 -20.93
CA LEU D 174 -17.37 1.46 -21.54
C LEU D 174 -17.47 1.99 -22.97
N ALA D 175 -16.99 3.20 -23.20
CA ALA D 175 -16.98 3.79 -24.53
C ALA D 175 -16.00 3.04 -25.44
N GLY D 176 -14.91 2.54 -24.86
CA GLY D 176 -13.98 1.72 -25.61
C GLY D 176 -14.67 0.50 -26.18
N LEU D 177 -15.41 -0.20 -25.33
CA LEU D 177 -16.19 -1.36 -25.75
C LEU D 177 -17.30 -0.99 -26.72
N ALA D 178 -18.14 -0.05 -26.32
CA ALA D 178 -19.34 0.26 -27.08
C ALA D 178 -19.07 1.02 -28.38
N LEU D 179 -18.12 1.94 -28.35
CA LEU D 179 -17.94 2.88 -29.46
C LEU D 179 -16.53 2.91 -30.04
N GLY D 180 -15.61 2.17 -29.44
CA GLY D 180 -14.22 2.20 -29.88
C GLY D 180 -13.59 3.57 -29.69
N GLN D 181 -14.08 4.30 -28.68
CA GLN D 181 -13.52 5.61 -28.32
C GLN D 181 -13.26 5.66 -26.82
N THR D 182 -12.25 6.41 -26.40
CA THR D 182 -11.93 6.54 -24.97
C THR D 182 -11.98 7.99 -24.51
N VAL D 183 -11.99 8.92 -25.46
CA VAL D 183 -12.07 10.35 -25.16
C VAL D 183 -13.54 10.78 -25.12
N LEU D 184 -13.93 11.48 -24.06
CA LEU D 184 -15.33 11.86 -23.87
C LEU D 184 -15.93 12.53 -25.10
N SER D 185 -15.28 13.59 -25.58
CA SER D 185 -15.79 14.34 -26.74
C SER D 185 -16.00 13.43 -27.94
N LYS D 186 -14.99 12.63 -28.27
CA LYS D 186 -15.05 11.75 -29.43
C LYS D 186 -16.08 10.64 -29.25
N ALA D 187 -16.17 10.13 -28.03
CA ALA D 187 -17.16 9.11 -27.71
C ALA D 187 -18.57 9.64 -27.99
N CYS D 188 -18.83 10.87 -27.56
CA CYS D 188 -20.13 11.49 -27.79
C CYS D 188 -20.45 11.68 -29.28
N GLN D 189 -19.54 12.31 -30.03
CA GLN D 189 -19.76 12.48 -31.47
C GLN D 189 -20.04 11.13 -32.12
N THR D 190 -19.22 10.14 -31.81
CA THR D 190 -19.36 8.82 -32.42
C THR D 190 -20.74 8.21 -32.12
N ALA D 191 -21.29 8.51 -30.95
CA ALA D 191 -22.61 8.00 -30.59
C ALA D 191 -23.72 8.83 -31.22
N GLY D 192 -23.36 9.98 -31.77
CA GLY D 192 -24.33 10.86 -32.41
C GLY D 192 -24.77 12.01 -31.51
N MET D 193 -24.04 12.20 -30.42
CA MET D 193 -24.33 13.28 -29.47
C MET D 193 -23.43 14.46 -29.76
N ASP D 194 -23.98 15.68 -29.69
CA ASP D 194 -23.15 16.86 -29.86
C ASP D 194 -22.34 17.12 -28.60
N PHE D 195 -21.17 17.74 -28.77
CA PHE D 195 -20.30 18.05 -27.64
C PHE D 195 -19.58 19.38 -27.85
N ASP D 196 -19.71 20.27 -26.87
CA ASP D 196 -19.09 21.59 -26.93
C ASP D 196 -17.79 21.62 -26.11
N SER D 197 -16.68 21.92 -26.77
CA SER D 197 -15.36 21.86 -26.14
C SER D 197 -15.11 22.97 -25.10
N THR D 198 -15.70 24.14 -25.31
CA THR D 198 -15.51 25.26 -24.38
C THR D 198 -16.12 24.96 -23.01
N GLN D 199 -17.04 24.00 -22.95
CA GLN D 199 -17.75 23.67 -21.73
C GLN D 199 -17.08 22.52 -20.97
N ALA D 200 -16.04 21.94 -21.56
CA ALA D 200 -15.36 20.80 -20.95
C ALA D 200 -14.68 21.16 -19.64
N HIS D 201 -14.77 22.43 -19.25
CA HIS D 201 -14.19 22.91 -18.01
C HIS D 201 -15.26 22.98 -16.92
N SER D 202 -16.52 22.95 -17.34
CA SER D 202 -17.66 22.99 -16.41
C SER D 202 -18.00 21.61 -15.89
N ALA D 203 -17.97 21.45 -14.56
CA ALA D 203 -18.29 20.17 -13.94
C ALA D 203 -19.69 19.72 -14.32
N LEU D 204 -20.62 20.67 -14.38
CA LEU D 204 -22.01 20.38 -14.72
C LEU D 204 -22.14 19.86 -16.15
N TYR D 205 -21.53 20.56 -17.10
CA TYR D 205 -21.65 20.15 -18.49
C TYR D 205 -21.06 18.76 -18.70
N ASP D 206 -19.87 18.53 -18.18
CA ASP D 206 -19.23 17.23 -18.28
C ASP D 206 -20.06 16.12 -17.64
N THR D 207 -20.68 16.42 -16.50
CA THR D 207 -21.49 15.42 -15.82
C THR D 207 -22.72 15.05 -16.63
N GLU D 208 -23.35 16.06 -17.23
CA GLU D 208 -24.53 15.87 -18.07
C GLU D 208 -24.22 15.01 -19.30
N ARG D 209 -23.18 15.39 -20.03
CA ARG D 209 -22.78 14.62 -21.21
C ARG D 209 -22.40 13.19 -20.81
N THR D 210 -21.67 13.05 -19.70
CA THR D 210 -21.26 11.72 -19.24
C THR D 210 -22.47 10.87 -18.86
N ALA D 211 -23.46 11.49 -18.22
CA ALA D 211 -24.67 10.78 -17.83
C ALA D 211 -25.44 10.29 -19.06
N VAL D 212 -25.57 11.16 -20.06
CA VAL D 212 -26.27 10.81 -21.30
C VAL D 212 -25.52 9.69 -22.05
N LEU D 213 -24.19 9.80 -22.11
CA LEU D 213 -23.38 8.75 -22.74
C LEU D 213 -23.54 7.41 -22.03
N PHE D 214 -23.52 7.41 -20.71
CA PHE D 214 -23.70 6.19 -19.94
C PHE D 214 -25.06 5.55 -20.22
N CYS D 215 -26.11 6.36 -20.19
CA CYS D 215 -27.45 5.85 -20.48
C CYS D 215 -27.55 5.29 -21.89
N GLU D 216 -26.88 5.95 -22.84
CA GLU D 216 -26.88 5.51 -24.23
C GLU D 216 -26.21 4.15 -24.40
N ILE D 217 -25.12 3.93 -23.69
CA ILE D 217 -24.40 2.67 -23.78
C ILE D 217 -25.22 1.55 -23.16
N VAL D 218 -25.79 1.81 -22.00
CA VAL D 218 -26.68 0.86 -21.36
C VAL D 218 -27.92 0.58 -22.20
N ASN D 219 -28.56 1.66 -22.67
CA ASN D 219 -29.77 1.51 -23.47
C ASN D 219 -29.53 0.80 -24.80
N ARG D 220 -28.40 1.07 -25.44
CA ARG D 220 -28.09 0.41 -26.71
C ARG D 220 -27.82 -1.08 -26.51
N TRP D 221 -27.20 -1.44 -25.40
CA TRP D 221 -26.98 -2.86 -25.07
C TRP D 221 -28.34 -3.55 -25.01
N LYS D 222 -29.31 -2.88 -24.40
CA LYS D 222 -30.68 -3.39 -24.33
C LYS D 222 -31.33 -3.45 -25.71
N ARG D 223 -31.21 -2.36 -26.48
CA ARG D 223 -31.75 -2.32 -27.83
C ARG D 223 -31.30 -3.53 -28.66
N LEU D 224 -30.03 -3.87 -28.56
CA LEU D 224 -29.46 -4.97 -29.32
C LEU D 224 -29.78 -6.33 -28.70
N GLY D 225 -30.51 -6.32 -27.60
CA GLY D 225 -30.92 -7.55 -26.95
C GLY D 225 -29.84 -8.20 -26.11
N GLY D 226 -28.94 -7.38 -25.58
CA GLY D 226 -27.88 -7.87 -24.72
C GLY D 226 -28.34 -8.05 -23.29
N TRP D 227 -29.41 -7.34 -22.94
CA TRP D 227 -30.05 -7.45 -21.63
C TRP D 227 -31.56 -7.49 -21.86
N PRO D 228 -32.27 -8.30 -21.05
CA PRO D 228 -31.76 -9.18 -20.01
C PRO D 228 -30.92 -10.32 -20.56
N LEU D 229 -30.20 -10.99 -19.66
CA LEU D 229 -29.33 -12.10 -20.04
C LEU D 229 -30.12 -13.31 -20.53
N SER E 1 -30.22 21.74 4.65
CA SER E 1 -30.34 20.74 5.70
C SER E 1 -29.59 21.16 6.96
N HIS E 2 -28.27 21.34 6.85
CA HIS E 2 -27.47 21.82 7.96
C HIS E 2 -26.98 23.26 7.73
N HIS E 3 -27.12 23.73 6.50
CA HIS E 3 -26.61 25.04 6.13
C HIS E 3 -27.69 25.94 5.54
N HIS E 4 -27.62 27.23 5.87
CA HIS E 4 -28.45 28.24 5.23
C HIS E 4 -27.64 29.50 5.04
N HIS E 5 -27.77 30.13 3.87
CA HIS E 5 -26.98 31.31 3.56
C HIS E 5 -27.86 32.55 3.46
N HIS E 6 -27.34 33.67 3.93
CA HIS E 6 -28.08 34.93 3.92
C HIS E 6 -27.55 35.86 2.84
#